data_2C3Q
#
_entry.id   2C3Q
#
_cell.length_a   54.499
_cell.length_b   109.683
_cell.length_c   171.048
_cell.angle_alpha   90.00
_cell.angle_beta   90.00
_cell.angle_gamma   90.00
#
_symmetry.space_group_name_H-M   'P 21 21 21'
#
loop_
_entity.id
_entity.type
_entity.pdbx_description
1 polymer 'GLUTATHIONE S-TRANSFERASE THETA 1'
2 non-polymer S-HEXYLGLUTATHIONE
3 non-polymer 'IODIDE ION'
4 water water
#
_entity_poly.entity_id   1
_entity_poly.type   'polypeptide(L)'
_entity_poly.pdbx_seq_one_letter_code
;MHHHHHHMGLELYLDLLSQPCRAVYIFAKKNDIPFELRIVDLIKGQHLSDAFAQVNPLKKVPALKDGDFTLTESVAILLY
LTRKYKVPDYWYPQDLQARARVDEYLAWQHTTLRRSCLRALWHKVMFPVFLGEPVSPQTLAATLAELDVTLQLLEDKFLQ
NKAFLTGPHISLADLVAITELMHPVGAGCQVFEGRPKLATWRQRVEAAVGEDLFQEAHEVILKAKDFPPADPTIKQKLMP
RVLAMIR
;
_entity_poly.pdbx_strand_id   A,B,C,D
#
loop_
_chem_comp.id
_chem_comp.type
_chem_comp.name
_chem_comp.formula
GTX non-polymer S-HEXYLGLUTATHIONE 'C16 H30 N3 O6 S 1'
IOD non-polymer 'IODIDE ION' 'I -1'
#
# COMPACT_ATOMS: atom_id res chain seq x y z
N GLY A 9 -4.13 -1.01 31.21
CA GLY A 9 -4.65 -0.84 29.82
C GLY A 9 -4.17 0.43 29.12
N LEU A 10 -4.65 0.66 27.91
CA LEU A 10 -4.30 1.85 27.16
C LEU A 10 -5.16 3.01 27.60
N GLU A 11 -4.49 4.12 27.88
CA GLU A 11 -5.11 5.38 28.25
C GLU A 11 -4.69 6.48 27.29
N LEU A 12 -5.65 7.28 26.87
CA LEU A 12 -5.33 8.43 26.02
C LEU A 12 -5.82 9.70 26.73
N TYR A 13 -4.84 10.57 27.01
CA TYR A 13 -4.98 11.84 27.69
C TYR A 13 -5.15 12.90 26.62
N LEU A 14 -6.39 13.36 26.47
CA LEU A 14 -6.79 14.23 25.37
C LEU A 14 -7.68 15.43 25.71
N ASP A 15 -7.65 16.44 24.85
CA ASP A 15 -8.61 17.51 24.91
C ASP A 15 -8.97 17.76 23.47
N LEU A 16 -10.24 17.55 23.14
CA LEU A 16 -10.73 17.70 21.73
C LEU A 16 -10.70 19.15 21.21
N LEU A 17 -10.40 20.11 22.07
CA LEU A 17 -10.16 21.46 21.66
C LEU A 17 -8.88 21.52 20.78
N SER A 18 -7.87 20.68 21.08
CA SER A 18 -6.59 20.73 20.34
C SER A 18 -6.55 19.85 19.08
N GLN A 19 -5.92 20.37 18.02
CA GLN A 19 -5.75 19.66 16.71
C GLN A 19 -5.11 18.25 16.87
N PRO A 20 -3.94 18.13 17.57
CA PRO A 20 -3.36 16.78 17.63
C PRO A 20 -4.19 15.73 18.36
N CYS A 21 -4.95 16.15 19.40
CA CYS A 21 -5.81 15.23 20.13
C CYS A 21 -6.94 14.72 19.27
N ARG A 22 -7.54 15.60 18.47
CA ARG A 22 -8.62 15.16 17.56
C ARG A 22 -8.15 14.07 16.59
N ALA A 23 -6.96 14.24 16.00
CA ALA A 23 -6.34 13.23 15.12
C ALA A 23 -6.19 11.87 15.81
N VAL A 24 -5.73 11.87 17.06
CA VAL A 24 -5.54 10.67 17.86
C VAL A 24 -6.90 10.02 18.24
N TYR A 25 -7.85 10.85 18.67
CA TYR A 25 -9.23 10.42 19.00
C TYR A 25 -9.90 9.73 17.83
N ILE A 26 -9.93 10.40 16.67
CA ILE A 26 -10.53 9.87 15.45
C ILE A 26 -9.85 8.54 15.04
N PHE A 27 -8.53 8.48 15.12
CA PHE A 27 -7.81 7.26 14.73
C PHE A 27 -8.13 6.05 15.63
N ALA A 28 -8.09 6.24 16.95
CA ALA A 28 -8.34 5.17 17.91
C ALA A 28 -9.80 4.67 17.81
N LYS A 29 -10.75 5.59 17.67
CA LYS A 29 -12.19 5.24 17.57
C LYS A 29 -12.54 4.59 16.22
N LYS A 30 -12.03 5.11 15.10
CA LYS A 30 -12.28 4.52 13.75
C LYS A 30 -11.81 3.08 13.67
N ASN A 31 -10.67 2.79 14.30
CA ASN A 31 -10.04 1.48 14.26
C ASN A 31 -10.44 0.53 15.38
N ASP A 32 -11.40 0.95 16.19
CA ASP A 32 -11.98 0.20 17.34
C ASP A 32 -10.93 -0.18 18.34
N ILE A 33 -10.00 0.73 18.59
CA ILE A 33 -8.94 0.48 19.54
C ILE A 33 -9.50 0.72 20.94
N PRO A 34 -9.46 -0.31 21.81
CA PRO A 34 -9.97 -0.14 23.17
C PRO A 34 -9.06 0.77 23.98
N PHE A 35 -9.59 1.85 24.53
CA PHE A 35 -8.81 2.75 25.39
C PHE A 35 -9.68 3.42 26.43
N GLU A 36 -9.02 3.93 27.46
CA GLU A 36 -9.65 4.71 28.50
C GLU A 36 -9.37 6.17 28.19
N LEU A 37 -10.43 6.91 27.89
CA LEU A 37 -10.35 8.32 27.59
C LEU A 37 -10.19 9.17 28.86
N ARG A 38 -9.12 9.95 28.92
CA ARG A 38 -8.87 10.85 30.05
C ARG A 38 -8.91 12.25 29.51
N ILE A 39 -9.99 12.97 29.80
CA ILE A 39 -10.13 14.34 29.33
C ILE A 39 -9.30 15.20 30.26
N VAL A 40 -8.38 15.97 29.66
CA VAL A 40 -7.54 16.90 30.37
C VAL A 40 -8.01 18.27 29.92
N ASP A 41 -8.72 18.99 30.79
CA ASP A 41 -9.33 20.28 30.46
C ASP A 41 -8.32 21.43 30.43
N LEU A 42 -7.89 21.80 29.22
CA LEU A 42 -6.89 22.85 28.97
C LEU A 42 -7.32 24.23 29.50
N ILE A 43 -8.59 24.55 29.22
CA ILE A 43 -9.31 25.78 29.62
C ILE A 43 -9.29 26.03 31.14
N LYS A 44 -9.27 24.94 31.89
CA LYS A 44 -9.22 24.97 33.36
C LYS A 44 -7.78 24.81 33.88
N GLY A 45 -6.82 24.64 32.97
CA GLY A 45 -5.39 24.48 33.32
C GLY A 45 -5.06 23.16 33.98
N GLN A 46 -5.86 22.15 33.67
CA GLN A 46 -5.74 20.78 34.20
C GLN A 46 -4.44 20.11 33.77
N HIS A 47 -3.94 20.47 32.58
CA HIS A 47 -2.63 19.99 32.08
C HIS A 47 -1.42 20.50 32.92
N LEU A 48 -1.65 21.55 33.74
CA LEU A 48 -0.63 22.14 34.60
C LEU A 48 -0.67 21.60 36.03
N SER A 49 -1.64 20.72 36.31
CA SER A 49 -1.79 20.11 37.63
C SER A 49 -0.66 19.13 37.92
N ASP A 50 -0.39 18.89 39.22
CA ASP A 50 0.68 17.97 39.65
C ASP A 50 0.40 16.54 39.23
N ALA A 51 -0.89 16.18 39.18
CA ALA A 51 -1.35 14.87 38.75
C ALA A 51 -1.05 14.61 37.27
N PHE A 52 -1.32 15.58 36.38
CA PHE A 52 -1.04 15.36 34.94
C PHE A 52 0.47 15.48 34.66
N ALA A 53 1.17 16.32 35.42
CA ALA A 53 2.64 16.46 35.30
C ALA A 53 3.36 15.11 35.54
N GLN A 54 2.73 14.21 36.29
CA GLN A 54 3.25 12.85 36.50
C GLN A 54 3.16 11.99 35.23
N VAL A 55 2.07 12.19 34.48
CA VAL A 55 1.82 11.48 33.22
C VAL A 55 2.76 12.05 32.16
N ASN A 56 2.68 13.37 31.97
CA ASN A 56 3.50 14.09 31.02
C ASN A 56 4.16 15.32 31.64
N PRO A 57 5.45 15.23 32.06
CA PRO A 57 6.23 16.36 32.61
C PRO A 57 6.29 17.61 31.71
N LEU A 58 6.15 17.44 30.39
CA LEU A 58 6.10 18.56 29.42
C LEU A 58 4.77 19.36 29.49
N LYS A 59 3.78 18.78 30.18
CA LYS A 59 2.44 19.40 30.47
C LYS A 59 1.66 19.71 29.18
N LYS A 60 1.69 18.75 28.28
CA LYS A 60 1.00 18.91 27.01
C LYS A 60 0.16 17.69 26.65
N VAL A 61 -0.82 17.92 25.78
CA VAL A 61 -1.65 16.84 25.29
C VAL A 61 -1.49 16.77 23.76
N PRO A 62 -1.65 15.58 23.14
CA PRO A 62 -1.98 14.22 23.59
C PRO A 62 -0.83 13.52 24.30
N ALA A 63 -1.18 12.65 25.22
CA ALA A 63 -0.21 11.81 25.92
C ALA A 63 -0.82 10.41 25.97
N LEU A 64 0.01 9.43 25.66
CA LEU A 64 -0.43 8.04 25.66
C LEU A 64 0.18 7.35 26.86
N LYS A 65 -0.58 6.45 27.47
CA LYS A 65 -0.05 5.64 28.58
C LYS A 65 -0.54 4.20 28.36
N ASP A 66 0.42 3.28 28.30
CA ASP A 66 0.16 1.87 28.01
C ASP A 66 1.04 1.09 28.94
N GLY A 67 0.54 0.91 30.16
CA GLY A 67 1.21 0.24 31.26
C GLY A 67 2.25 1.20 31.79
N ASP A 68 3.49 0.74 31.79
CA ASP A 68 4.65 1.53 32.23
C ASP A 68 5.25 2.38 31.09
N PHE A 69 4.68 2.28 29.91
CA PHE A 69 5.10 3.05 28.74
C PHE A 69 4.27 4.31 28.56
N THR A 70 4.95 5.45 28.40
CA THR A 70 4.33 6.76 28.19
C THR A 70 4.89 7.37 26.92
N LEU A 71 4.01 7.90 26.07
CA LEU A 71 4.42 8.45 24.80
C LEU A 71 3.76 9.78 24.53
N THR A 72 4.56 10.73 24.03
CA THR A 72 4.02 12.01 23.60
C THR A 72 4.15 12.11 22.07
N GLU A 73 3.67 13.23 21.53
CA GLU A 73 3.68 13.60 20.10
C GLU A 73 2.63 12.83 19.34
N SER A 74 1.62 13.53 18.82
CA SER A 74 0.55 12.87 18.06
C SER A 74 1.07 12.00 16.91
N VAL A 75 2.13 12.41 16.18
CA VAL A 75 2.64 11.58 15.05
C VAL A 75 3.16 10.25 15.60
N ALA A 76 3.95 10.29 16.68
CA ALA A 76 4.44 9.07 17.31
C ALA A 76 3.32 8.18 17.83
N ILE A 77 2.28 8.79 18.45
CA ILE A 77 1.11 8.07 19.00
C ILE A 77 0.36 7.39 17.87
N LEU A 78 0.11 8.09 16.77
CA LEU A 78 -0.59 7.51 15.60
C LEU A 78 0.15 6.32 15.04
N LEU A 79 1.48 6.45 14.88
CA LEU A 79 2.33 5.35 14.39
C LEU A 79 2.39 4.19 15.38
N TYR A 80 2.49 4.48 16.69
CA TYR A 80 2.51 3.39 17.68
C TYR A 80 1.20 2.60 17.65
N LEU A 81 0.07 3.30 17.66
CA LEU A 81 -1.25 2.63 17.55
C LEU A 81 -1.39 1.86 16.23
N THR A 82 -0.86 2.42 15.13
CA THR A 82 -0.88 1.77 13.80
C THR A 82 -0.27 0.38 13.85
N ARG A 83 0.90 0.32 14.49
CA ARG A 83 1.71 -0.88 14.60
C ARG A 83 1.20 -1.90 15.61
N LYS A 84 0.93 -1.47 16.85
CA LYS A 84 0.49 -2.37 17.93
C LYS A 84 -0.86 -3.04 17.64
N TYR A 85 -1.81 -2.29 17.09
CA TYR A 85 -3.18 -2.80 16.88
C TYR A 85 -3.50 -3.35 15.47
N LYS A 86 -2.48 -3.38 14.61
CA LYS A 86 -2.52 -3.98 13.25
C LYS A 86 -3.73 -3.49 12.45
N VAL A 87 -3.87 -2.18 12.47
CA VAL A 87 -4.90 -1.43 11.77
C VAL A 87 -4.73 -1.69 10.27
N PRO A 88 -5.77 -1.43 9.45
CA PRO A 88 -5.53 -1.58 8.01
C PRO A 88 -4.31 -0.80 7.52
N ASP A 89 -3.55 -1.44 6.64
CA ASP A 89 -2.32 -0.84 6.16
C ASP A 89 -2.51 0.41 5.26
N TYR A 90 -3.71 0.75 4.79
CA TYR A 90 -3.86 1.97 3.99
C TYR A 90 -3.50 3.25 4.77
N TRP A 91 -3.64 3.20 6.11
CA TRP A 91 -3.29 4.33 6.99
C TRP A 91 -1.81 4.68 6.87
N TYR A 92 -0.98 3.65 6.73
CA TYR A 92 0.45 3.84 6.60
C TYR A 92 0.96 2.79 5.62
N PRO A 93 0.81 3.03 4.28
CA PRO A 93 1.05 1.95 3.23
C PRO A 93 2.42 1.26 3.32
N GLN A 94 2.49 -0.04 3.00
CA GLN A 94 3.76 -0.80 3.10
C GLN A 94 4.71 -0.48 1.95
N ASP A 95 4.16 -0.06 0.80
CA ASP A 95 4.96 0.40 -0.35
C ASP A 95 5.84 1.54 0.09
N LEU A 96 7.13 1.47 -0.25
CA LEU A 96 8.12 2.47 0.18
C LEU A 96 7.88 3.91 -0.24
N GLN A 97 7.49 4.14 -1.49
CA GLN A 97 7.23 5.47 -2.00
C GLN A 97 5.92 6.04 -1.44
N ALA A 98 4.89 5.19 -1.29
CA ALA A 98 3.61 5.64 -0.67
C ALA A 98 3.80 5.98 0.82
N ARG A 99 4.52 5.12 1.55
CA ARG A 99 4.86 5.39 2.96
C ARG A 99 5.66 6.69 3.09
N ALA A 100 6.59 6.92 2.15
CA ALA A 100 7.37 8.17 2.07
C ALA A 100 6.49 9.39 1.89
N ARG A 101 5.47 9.31 1.02
CA ARG A 101 4.55 10.41 0.83
C ARG A 101 3.84 10.78 2.13
N VAL A 102 3.48 9.77 2.93
CA VAL A 102 2.85 9.99 4.24
C VAL A 102 3.86 10.66 5.17
N ASP A 103 5.10 10.14 5.22
CA ASP A 103 6.20 10.70 6.03
C ASP A 103 6.51 12.16 5.68
N GLU A 104 6.51 12.44 4.39
CA GLU A 104 6.73 13.77 3.82
C GLU A 104 5.70 14.77 4.32
N TYR A 105 4.41 14.40 4.25
CA TYR A 105 3.37 15.30 4.78
C TYR A 105 3.50 15.49 6.32
N LEU A 106 3.63 14.39 7.06
CA LEU A 106 3.69 14.42 8.53
C LEU A 106 4.85 15.27 9.01
N ALA A 107 5.95 15.25 8.27
CA ALA A 107 7.11 16.06 8.63
C ALA A 107 6.88 17.54 8.31
N TRP A 108 6.42 17.81 7.09
CA TRP A 108 6.18 19.18 6.65
C TRP A 108 5.22 20.00 7.52
N GLN A 109 4.10 19.40 7.90
CA GLN A 109 3.00 20.10 8.58
C GLN A 109 3.37 20.72 9.93
N HIS A 110 4.34 20.12 10.65
CA HIS A 110 4.72 20.59 12.00
C HIS A 110 5.03 22.10 12.05
N THR A 111 5.74 22.60 11.03
CA THR A 111 6.21 23.99 11.01
C THR A 111 5.45 24.92 10.05
N THR A 112 4.39 24.40 9.41
CA THR A 112 3.70 25.13 8.35
C THR A 112 2.20 25.14 8.65
N LEU A 113 1.47 24.10 8.27
CA LEU A 113 0.00 24.08 8.49
C LEU A 113 -0.41 24.02 9.97
N ARG A 114 0.25 23.17 10.77
CA ARG A 114 -0.02 23.12 12.22
C ARG A 114 0.08 24.52 12.86
N ARG A 115 1.17 25.21 12.53
CA ARG A 115 1.50 26.53 13.06
C ARG A 115 0.48 27.60 12.64
N SER A 116 0.10 27.61 11.36
CA SER A 116 -0.88 28.59 10.84
C SER A 116 -2.27 28.38 11.38
N CYS A 117 -2.68 27.12 11.44
CA CYS A 117 -4.00 26.77 11.97
C CYS A 117 -4.11 27.06 13.47
N LEU A 118 -3.03 26.80 14.23
CA LEU A 118 -3.00 27.13 15.65
C LEU A 118 -3.03 28.66 15.89
N ARG A 119 -2.24 29.39 15.11
CA ARG A 119 -2.17 30.85 15.26
C ARG A 119 -3.47 31.50 14.79
N ALA A 120 -4.15 30.93 13.79
CA ALA A 120 -5.46 31.48 13.32
C ALA A 120 -6.47 31.43 14.44
N LEU A 121 -6.61 30.28 15.11
CA LEU A 121 -7.53 30.14 16.25
C LEU A 121 -7.24 31.15 17.37
N TRP A 122 -5.97 31.25 17.77
CA TRP A 122 -5.57 32.14 18.88
C TRP A 122 -5.65 33.63 18.53
N HIS A 123 -5.16 34.04 17.37
CA HIS A 123 -5.22 35.48 17.05
C HIS A 123 -6.63 35.94 16.68
N LYS A 124 -7.48 35.07 16.15
CA LYS A 124 -8.84 35.51 15.76
C LYS A 124 -9.87 35.37 16.90
N VAL A 125 -9.73 34.35 17.74
CA VAL A 125 -10.72 34.05 18.79
C VAL A 125 -10.19 33.83 20.22
N MET A 126 -9.25 32.90 20.41
CA MET A 126 -8.91 32.48 21.82
C MET A 126 -8.19 33.57 22.64
N PHE A 127 -7.39 34.43 22.01
CA PHE A 127 -6.81 35.57 22.76
C PHE A 127 -7.93 36.58 23.13
N PRO A 128 -8.66 37.18 22.12
CA PRO A 128 -9.69 38.17 22.55
C PRO A 128 -10.89 37.65 23.34
N VAL A 129 -11.43 36.48 23.00
CA VAL A 129 -12.63 35.96 23.65
C VAL A 129 -12.29 35.29 24.99
N PHE A 130 -11.47 34.24 24.94
CA PHE A 130 -11.17 33.47 26.14
C PHE A 130 -10.18 34.19 27.08
N LEU A 131 -9.12 34.78 26.55
CA LEU A 131 -8.17 35.44 27.46
C LEU A 131 -8.34 36.95 27.62
N GLY A 132 -9.35 37.54 26.95
CA GLY A 132 -9.64 38.98 27.02
C GLY A 132 -8.46 39.86 26.62
N GLU A 133 -7.71 39.41 25.61
CA GLU A 133 -6.51 40.06 25.12
C GLU A 133 -6.63 40.42 23.67
N PRO A 134 -6.67 41.74 23.36
CA PRO A 134 -6.80 42.12 21.95
C PRO A 134 -5.51 41.85 21.19
N VAL A 135 -5.73 41.54 19.92
CA VAL A 135 -4.72 41.22 18.94
C VAL A 135 -4.79 42.33 17.93
N SER A 136 -3.65 42.89 17.56
CA SER A 136 -3.63 43.97 16.59
C SER A 136 -4.10 43.44 15.24
N PRO A 137 -4.86 44.26 14.48
CA PRO A 137 -5.28 43.87 13.14
C PRO A 137 -4.13 43.42 12.22
N GLN A 138 -2.94 43.99 12.45
CA GLN A 138 -1.73 43.70 11.71
C GLN A 138 -1.20 42.29 12.01
N THR A 139 -1.33 41.85 13.27
CA THR A 139 -0.92 40.51 13.68
C THR A 139 -1.87 39.48 13.08
N LEU A 140 -3.17 39.75 13.17
CA LEU A 140 -4.22 38.88 12.65
C LEU A 140 -4.12 38.74 11.12
N ALA A 141 -3.91 39.86 10.40
CA ALA A 141 -3.72 39.89 8.94
C ALA A 141 -2.55 39.03 8.51
N ALA A 142 -1.41 39.21 9.19
CA ALA A 142 -0.18 38.43 8.95
C ALA A 142 -0.41 36.93 9.13
N THR A 143 -1.14 36.58 10.18
CA THR A 143 -1.49 35.20 10.52
C THR A 143 -2.42 34.57 9.49
N LEU A 144 -3.42 35.34 9.05
CA LEU A 144 -4.39 34.78 8.09
C LEU A 144 -3.79 34.75 6.67
N ALA A 145 -2.88 35.66 6.33
CA ALA A 145 -2.20 35.61 5.03
C ALA A 145 -1.28 34.38 4.95
N GLU A 146 -0.64 34.07 6.08
CA GLU A 146 0.21 32.88 6.19
C GLU A 146 -0.63 31.61 6.12
N LEU A 147 -1.80 31.62 6.75
CA LEU A 147 -2.76 30.52 6.62
C LEU A 147 -3.13 30.28 5.14
N ASP A 148 -3.42 31.35 4.40
CA ASP A 148 -3.72 31.21 2.97
C ASP A 148 -2.54 30.63 2.16
N VAL A 149 -1.31 31.01 2.52
CA VAL A 149 -0.10 30.46 1.89
C VAL A 149 -0.03 28.95 2.15
N THR A 150 -0.29 28.54 3.40
CA THR A 150 -0.24 27.11 3.73
C THR A 150 -1.37 26.32 3.05
N LEU A 151 -2.54 26.94 2.90
CA LEU A 151 -3.68 26.28 2.24
C LEU A 151 -3.39 26.06 0.74
N GLN A 152 -2.69 27.01 0.13
CA GLN A 152 -2.27 26.92 -1.27
C GLN A 152 -1.22 25.82 -1.44
N LEU A 153 -0.26 25.75 -0.51
CA LEU A 153 0.76 24.70 -0.50
C LEU A 153 0.14 23.31 -0.28
N LEU A 154 -0.87 23.21 0.61
CA LEU A 154 -1.62 21.96 0.82
C LEU A 154 -2.20 21.43 -0.52
N GLU A 155 -2.88 22.32 -1.25
CA GLU A 155 -3.43 22.02 -2.56
C GLU A 155 -2.37 21.71 -3.64
N ASP A 156 -1.36 22.57 -3.76
CA ASP A 156 -0.36 22.49 -4.86
C ASP A 156 0.77 21.48 -4.68
N LYS A 157 1.25 21.28 -3.45
CA LYS A 157 2.35 20.35 -3.20
C LYS A 157 1.80 18.96 -2.92
N PHE A 158 0.69 18.87 -2.17
CA PHE A 158 0.23 17.55 -1.72
C PHE A 158 -0.98 17.03 -2.46
N LEU A 159 -2.14 17.65 -2.28
CA LEU A 159 -3.41 17.11 -2.81
C LEU A 159 -3.44 17.02 -4.33
N GLN A 160 -3.05 18.11 -5.00
CA GLN A 160 -2.99 18.23 -6.48
C GLN A 160 -4.31 17.73 -7.07
N ASN A 161 -4.23 16.78 -8.00
CA ASN A 161 -5.37 16.18 -8.70
C ASN A 161 -5.89 14.87 -8.09
N LYS A 162 -5.32 14.46 -6.96
CA LYS A 162 -5.67 13.18 -6.33
C LYS A 162 -6.89 13.28 -5.42
N ALA A 163 -7.44 12.11 -5.09
CA ALA A 163 -8.57 12.01 -4.18
C ALA A 163 -8.14 12.34 -2.74
N PHE A 164 -6.92 11.95 -2.39
CA PHE A 164 -6.40 12.22 -1.03
C PHE A 164 -5.01 12.80 -1.10
N LEU A 165 -4.45 13.18 0.05
CA LEU A 165 -3.13 13.86 0.08
C LEU A 165 -1.99 13.07 -0.48
N THR A 166 -2.02 11.74 -0.34
CA THR A 166 -0.87 10.90 -0.80
C THR A 166 -1.20 9.87 -1.90
N GLY A 167 -2.44 9.85 -2.37
CA GLY A 167 -2.81 8.89 -3.40
C GLY A 167 -4.31 8.68 -3.47
N PRO A 168 -4.74 7.52 -4.01
CA PRO A 168 -6.15 7.21 -4.18
C PRO A 168 -6.91 6.90 -2.90
N HIS A 169 -6.20 6.65 -1.79
CA HIS A 169 -6.86 6.34 -0.52
C HIS A 169 -6.39 7.23 0.64
N ILE A 170 -7.23 7.32 1.67
CA ILE A 170 -6.93 8.05 2.91
C ILE A 170 -5.69 7.47 3.63
N SER A 171 -4.95 8.32 4.33
CA SER A 171 -3.84 7.86 5.17
C SER A 171 -3.82 8.71 6.41
N LEU A 172 -2.84 8.44 7.28
CA LEU A 172 -2.59 9.26 8.45
C LEU A 172 -2.39 10.75 8.11
N ALA A 173 -1.84 11.04 6.92
CA ALA A 173 -1.60 12.41 6.45
C ALA A 173 -2.91 13.22 6.36
N ASP A 174 -3.95 12.59 5.79
CA ASP A 174 -5.27 13.24 5.67
C ASP A 174 -5.91 13.51 7.03
N LEU A 175 -5.72 12.58 7.97
CA LEU A 175 -6.24 12.69 9.33
C LEU A 175 -5.62 13.87 10.10
N VAL A 176 -4.30 14.04 9.97
CA VAL A 176 -3.61 15.17 10.58
C VAL A 176 -4.05 16.49 9.93
N ALA A 177 -4.15 16.53 8.61
CA ALA A 177 -4.48 17.76 7.89
C ALA A 177 -5.90 18.20 8.13
N ILE A 178 -6.85 17.26 8.10
CA ILE A 178 -8.25 17.66 8.25
C ILE A 178 -8.50 18.21 9.67
N THR A 179 -7.87 17.61 10.71
CA THR A 179 -8.10 18.10 12.07
C THR A 179 -7.43 19.46 12.24
N GLU A 180 -6.32 19.70 11.52
CA GLU A 180 -5.64 20.99 11.51
C GLU A 180 -6.53 22.06 10.90
N LEU A 181 -7.11 21.78 9.74
CA LEU A 181 -7.98 22.75 9.04
C LEU A 181 -9.24 23.13 9.81
N MET A 182 -9.69 22.24 10.70
CA MET A 182 -10.89 22.53 11.51
C MET A 182 -10.63 23.53 12.64
N HIS A 183 -9.34 23.78 12.96
CA HIS A 183 -8.97 24.81 13.94
C HIS A 183 -9.42 26.22 13.41
N PRO A 184 -8.97 26.69 12.20
CA PRO A 184 -9.54 27.96 11.73
C PRO A 184 -11.05 27.93 11.35
N VAL A 185 -11.61 26.76 11.04
CA VAL A 185 -13.07 26.63 10.81
C VAL A 185 -13.78 27.01 12.11
N GLY A 186 -13.32 26.44 13.23
CA GLY A 186 -13.83 26.75 14.56
C GLY A 186 -13.64 28.20 15.01
N ALA A 187 -12.66 28.87 14.40
CA ALA A 187 -12.40 30.28 14.65
C ALA A 187 -13.23 31.20 13.73
N GLY A 188 -13.98 30.61 12.80
CA GLY A 188 -14.83 31.36 11.88
C GLY A 188 -14.16 31.81 10.58
N CYS A 189 -13.06 31.17 10.20
CA CYS A 189 -12.41 31.47 8.94
C CYS A 189 -13.10 30.70 7.86
N GLN A 190 -13.20 31.30 6.67
CA GLN A 190 -13.82 30.69 5.51
C GLN A 190 -12.79 29.82 4.78
N VAL A 191 -12.42 28.71 5.40
CA VAL A 191 -11.35 27.81 4.92
C VAL A 191 -11.66 27.10 3.58
N PHE A 192 -12.79 26.41 3.54
CA PHE A 192 -13.19 25.60 2.38
C PHE A 192 -13.95 26.41 1.33
N GLU A 193 -14.23 27.67 1.64
CA GLU A 193 -14.92 28.60 0.76
C GLU A 193 -13.97 29.10 -0.31
N GLY A 194 -14.36 28.90 -1.57
CA GLY A 194 -13.52 29.31 -2.69
C GLY A 194 -12.35 28.39 -2.99
N ARG A 195 -12.28 27.27 -2.26
CA ARG A 195 -11.27 26.25 -2.46
C ARG A 195 -11.99 24.91 -2.73
N PRO A 196 -12.56 24.75 -3.96
CA PRO A 196 -13.39 23.55 -4.23
C PRO A 196 -12.65 22.18 -4.12
N LYS A 197 -11.35 22.15 -4.44
CA LYS A 197 -10.52 20.94 -4.32
C LYS A 197 -10.42 20.48 -2.88
N LEU A 198 -10.24 21.43 -1.97
CA LEU A 198 -10.19 21.14 -0.52
C LEU A 198 -11.55 20.73 0.05
N ALA A 199 -12.61 21.40 -0.42
CA ALA A 199 -13.98 21.13 0.04
C ALA A 199 -14.44 19.72 -0.33
N THR A 200 -14.16 19.26 -1.56
CA THR A 200 -14.52 17.89 -1.97
C THR A 200 -13.64 16.85 -1.27
N TRP A 201 -12.36 17.20 -1.02
CA TRP A 201 -11.43 16.33 -0.27
C TRP A 201 -11.93 16.12 1.17
N ARG A 202 -12.38 17.21 1.81
CA ARG A 202 -12.97 17.17 3.14
C ARG A 202 -14.14 16.18 3.20
N GLN A 203 -15.00 16.22 2.17
CA GLN A 203 -16.18 15.33 2.09
C GLN A 203 -15.76 13.86 1.96
N ARG A 204 -14.67 13.59 1.24
CA ARG A 204 -14.11 12.22 1.09
C ARG A 204 -13.51 11.72 2.38
N VAL A 205 -12.81 12.60 3.10
CA VAL A 205 -12.20 12.29 4.42
C VAL A 205 -13.28 12.04 5.46
N GLU A 206 -14.30 12.91 5.51
CA GLU A 206 -15.43 12.72 6.43
C GLU A 206 -16.15 11.40 6.14
N ALA A 207 -16.37 11.08 4.87
CA ALA A 207 -17.01 9.80 4.45
C ALA A 207 -16.18 8.57 4.84
N ALA A 208 -14.85 8.65 4.67
CA ALA A 208 -13.92 7.56 5.00
C ALA A 208 -13.77 7.33 6.51
N VAL A 209 -13.73 8.43 7.25
CA VAL A 209 -13.64 8.45 8.71
C VAL A 209 -14.97 8.06 9.36
N GLY A 210 -16.07 8.46 8.71
CA GLY A 210 -17.42 8.24 9.22
C GLY A 210 -17.87 9.60 9.76
N GLU A 211 -18.98 10.13 9.20
CA GLU A 211 -19.52 11.47 9.55
C GLU A 211 -19.87 11.64 11.02
N ASP A 212 -20.45 10.61 11.65
CA ASP A 212 -20.82 10.70 13.07
C ASP A 212 -19.58 10.86 13.95
N LEU A 213 -18.51 10.11 13.64
CA LEU A 213 -17.25 10.21 14.38
C LEU A 213 -16.57 11.58 14.17
N PHE A 214 -16.48 12.01 12.91
CA PHE A 214 -15.92 13.32 12.55
C PHE A 214 -16.61 14.45 13.34
N GLN A 215 -17.95 14.46 13.34
CA GLN A 215 -18.73 15.48 14.03
C GLN A 215 -18.50 15.45 15.54
N GLU A 216 -18.45 14.25 16.11
CA GLU A 216 -18.25 14.02 17.54
C GLU A 216 -16.92 14.59 18.04
N ALA A 217 -15.87 14.31 17.28
CA ALA A 217 -14.52 14.76 17.54
C ALA A 217 -14.38 16.29 17.42
N HIS A 218 -15.23 16.93 16.60
CA HIS A 218 -15.11 18.38 16.42
C HIS A 218 -16.10 19.24 17.17
N GLU A 219 -16.86 18.63 18.10
CA GLU A 219 -17.87 19.36 18.90
C GLU A 219 -17.31 20.50 19.75
N VAL A 220 -16.11 20.34 20.30
CA VAL A 220 -15.49 21.36 21.18
C VAL A 220 -14.89 22.56 20.41
N ILE A 221 -14.11 22.28 19.36
CA ILE A 221 -13.48 23.35 18.56
C ILE A 221 -14.56 24.27 17.88
N LEU A 222 -15.68 23.67 17.49
CA LEU A 222 -16.80 24.41 16.88
C LEU A 222 -17.56 25.31 17.88
N LYS A 223 -17.35 25.09 19.19
CA LYS A 223 -17.89 25.86 20.30
C LYS A 223 -16.89 26.79 20.97
N ALA A 224 -15.68 26.96 20.40
CA ALA A 224 -14.60 27.78 21.02
C ALA A 224 -14.93 29.28 21.10
N LYS A 225 -15.72 29.79 20.16
CA LYS A 225 -16.20 31.19 20.18
C LYS A 225 -17.11 31.47 21.38
N ASP A 226 -17.65 30.42 21.98
CA ASP A 226 -18.59 30.49 23.11
C ASP A 226 -18.00 30.08 24.48
N PHE A 227 -16.69 29.85 24.54
CA PHE A 227 -16.04 29.56 25.83
C PHE A 227 -16.18 30.77 26.74
N PRO A 228 -16.61 30.55 28.01
CA PRO A 228 -16.67 31.63 28.97
C PRO A 228 -15.22 32.10 29.23
N PRO A 229 -14.98 33.45 29.27
CA PRO A 229 -13.62 33.96 29.50
C PRO A 229 -13.00 33.46 30.81
N ALA A 230 -11.68 33.27 30.78
CA ALA A 230 -10.89 32.82 31.91
C ALA A 230 -10.91 33.86 33.01
N ASP A 231 -10.95 33.41 34.27
CA ASP A 231 -10.90 34.34 35.42
C ASP A 231 -9.43 34.85 35.50
N PRO A 232 -9.14 35.90 36.32
CA PRO A 232 -7.75 36.40 36.25
C PRO A 232 -6.67 35.40 36.72
N THR A 233 -7.01 34.44 37.57
CA THR A 233 -6.00 33.46 38.08
C THR A 233 -5.64 32.40 37.01
N ILE A 234 -6.67 31.89 36.31
CA ILE A 234 -6.51 30.93 35.21
C ILE A 234 -5.71 31.58 34.08
N LYS A 235 -6.09 32.81 33.70
CA LYS A 235 -5.42 33.62 32.69
C LYS A 235 -3.91 33.80 32.98
N GLN A 236 -3.59 34.18 34.22
CA GLN A 236 -2.21 34.39 34.66
C GLN A 236 -1.37 33.09 34.56
N LYS A 237 -2.00 31.96 34.84
CA LYS A 237 -1.39 30.65 34.80
C LYS A 237 -1.19 30.17 33.38
N LEU A 238 -2.17 30.47 32.49
CA LEU A 238 -2.11 30.03 31.09
C LEU A 238 -1.36 30.97 30.16
N MET A 239 -1.29 32.26 30.45
CA MET A 239 -0.61 33.24 29.56
C MET A 239 0.86 32.88 29.22
N PRO A 240 1.75 32.55 30.22
CA PRO A 240 3.11 32.18 29.70
C PRO A 240 3.12 30.90 28.81
N ARG A 241 2.23 29.95 29.11
CA ARG A 241 2.08 28.72 28.31
C ARG A 241 1.62 29.02 26.89
N VAL A 242 0.65 29.92 26.77
CA VAL A 242 0.10 30.32 25.48
C VAL A 242 1.16 31.12 24.66
N LEU A 243 1.92 32.00 25.31
CA LEU A 243 2.95 32.80 24.60
C LEU A 243 4.14 31.94 24.10
N ALA A 244 4.40 30.80 24.75
CA ALA A 244 5.43 29.84 24.34
C ALA A 244 4.92 29.01 23.17
N MET A 245 3.61 28.84 23.13
CA MET A 245 2.90 28.16 22.08
C MET A 245 2.77 29.06 20.84
N ILE A 246 2.42 30.34 21.07
CA ILE A 246 2.23 31.36 20.03
C ILE A 246 3.41 32.32 20.10
N ARG A 247 4.43 32.01 19.31
CA ARG A 247 5.69 32.76 19.35
C ARG A 247 5.75 34.03 18.47
N GLY B 9 20.02 5.48 -10.14
CA GLY B 9 19.87 6.96 -10.23
C GLY B 9 19.38 7.62 -8.94
N LEU B 10 20.11 7.40 -7.84
CA LEU B 10 19.82 8.06 -6.55
C LEU B 10 20.65 9.33 -6.49
N GLU B 11 19.97 10.46 -6.33
CA GLU B 11 20.57 11.77 -6.23
C GLU B 11 20.08 12.50 -5.00
N LEU B 12 21.03 13.08 -4.26
CA LEU B 12 20.76 13.86 -3.06
C LEU B 12 21.22 15.30 -3.29
N TYR B 13 20.26 16.22 -3.28
CA TYR B 13 20.43 17.65 -3.50
C TYR B 13 20.65 18.26 -2.12
N LEU B 14 21.90 18.65 -1.87
CA LEU B 14 22.32 19.06 -0.52
C LEU B 14 23.22 20.28 -0.45
N ASP B 15 23.20 20.96 0.69
CA ASP B 15 24.17 22.00 1.01
C ASP B 15 24.53 21.72 2.45
N LEU B 16 25.80 21.42 2.72
CA LEU B 16 26.23 21.09 4.10
C LEU B 16 26.11 22.25 5.12
N LEU B 17 25.73 23.44 4.65
CA LEU B 17 25.43 24.55 5.53
C LEU B 17 24.16 24.27 6.38
N SER B 18 23.19 23.59 5.78
CA SER B 18 21.93 23.37 6.50
C SER B 18 21.93 22.09 7.34
N GLN B 19 21.35 22.20 8.54
CA GLN B 19 21.20 21.10 9.54
C GLN B 19 20.56 19.85 8.92
N PRO B 20 19.39 19.97 8.20
CA PRO B 20 18.81 18.72 7.64
C PRO B 20 19.65 18.00 6.56
N CYS B 21 20.40 18.74 5.74
CA CYS B 21 21.28 18.17 4.72
C CYS B 21 22.44 17.43 5.33
N ARG B 22 22.99 17.95 6.43
CA ARG B 22 24.06 17.23 7.17
C ARG B 22 23.57 15.90 7.74
N ALA B 23 22.34 15.87 8.29
CA ALA B 23 21.77 14.61 8.79
C ALA B 23 21.67 13.56 7.70
N VAL B 24 21.16 13.95 6.53
CA VAL B 24 21.01 13.05 5.35
C VAL B 24 22.39 12.61 4.78
N TYR B 25 23.34 13.54 4.72
CA TYR B 25 24.70 13.28 4.21
C TYR B 25 25.45 12.25 5.02
N ILE B 26 25.50 12.47 6.33
CA ILE B 26 26.17 11.57 7.27
C ILE B 26 25.53 10.18 7.23
N PHE B 27 24.20 10.13 7.16
CA PHE B 27 23.49 8.85 7.16
C PHE B 27 23.82 8.01 5.93
N ALA B 28 23.74 8.62 4.76
CA ALA B 28 23.98 7.95 3.50
C ALA B 28 25.45 7.49 3.40
N LYS B 29 26.39 8.35 3.80
CA LYS B 29 27.83 7.99 3.77
C LYS B 29 28.18 6.91 4.79
N LYS B 30 27.67 7.02 6.03
CA LYS B 30 27.91 6.02 7.09
C LYS B 30 27.43 4.59 6.73
N ASN B 31 26.31 4.55 6.02
CA ASN B 31 25.69 3.29 5.60
C ASN B 31 26.12 2.80 4.21
N ASP B 32 27.10 3.48 3.61
CA ASP B 32 27.69 3.14 2.28
C ASP B 32 26.61 3.11 1.20
N ILE B 33 25.65 4.02 1.31
CA ILE B 33 24.57 4.14 0.35
C ILE B 33 25.12 4.92 -0.86
N PRO B 34 25.08 4.30 -2.07
CA PRO B 34 25.58 5.00 -3.25
C PRO B 34 24.61 6.05 -3.77
N PHE B 35 25.12 7.25 -3.99
CA PHE B 35 24.35 8.36 -4.50
C PHE B 35 25.22 9.36 -5.25
N GLU B 36 24.59 10.12 -6.14
CA GLU B 36 25.20 11.24 -6.80
C GLU B 36 24.87 12.43 -5.88
N LEU B 37 25.91 13.22 -5.59
CA LEU B 37 25.80 14.39 -4.77
C LEU B 37 25.68 15.60 -5.67
N ARG B 38 24.57 16.33 -5.52
CA ARG B 38 24.41 17.60 -6.22
C ARG B 38 24.39 18.68 -5.15
N ILE B 39 25.43 19.49 -5.16
CA ILE B 39 25.53 20.59 -4.20
C ILE B 39 24.73 21.75 -4.78
N VAL B 40 23.78 22.23 -3.98
CA VAL B 40 22.91 23.32 -4.28
C VAL B 40 23.42 24.43 -3.39
N ASP B 41 24.21 25.34 -3.96
CA ASP B 41 24.86 26.41 -3.19
C ASP B 41 23.86 27.50 -2.77
N LEU B 42 23.42 27.40 -1.52
CA LEU B 42 22.43 28.29 -0.89
C LEU B 42 22.85 29.75 -0.78
N ILE B 43 24.13 30.00 -0.45
CA ILE B 43 24.66 31.40 -0.32
C ILE B 43 24.73 32.10 -1.70
N LYS B 44 24.77 31.31 -2.79
CA LYS B 44 24.74 31.81 -4.16
C LYS B 44 23.29 31.88 -4.71
N GLY B 45 22.32 31.45 -3.89
CA GLY B 45 20.91 31.42 -4.25
C GLY B 45 20.56 30.43 -5.34
N GLN B 46 21.34 29.35 -5.47
CA GLN B 46 21.12 28.29 -6.50
C GLN B 46 19.80 27.54 -6.34
N HIS B 47 19.30 27.49 -5.10
CA HIS B 47 18.02 26.85 -4.79
C HIS B 47 16.83 27.64 -5.33
N LEU B 48 17.07 28.90 -5.68
CA LEU B 48 16.07 29.80 -6.24
C LEU B 48 16.06 29.81 -7.78
N SER B 49 16.92 29.00 -8.40
CA SER B 49 17.00 28.90 -9.86
C SER B 49 15.83 28.09 -10.40
N ASP B 50 15.50 28.29 -11.69
CA ASP B 50 14.47 27.53 -12.39
C ASP B 50 14.82 26.04 -12.45
N ALA B 51 16.11 25.74 -12.65
CA ALA B 51 16.63 24.37 -12.70
C ALA B 51 16.43 23.62 -11.38
N PHE B 52 16.61 24.30 -10.23
CA PHE B 52 16.36 23.60 -8.95
C PHE B 52 14.87 23.53 -8.67
N ALA B 53 14.12 24.57 -9.07
CA ALA B 53 12.66 24.61 -8.92
C ALA B 53 11.95 23.41 -9.61
N GLN B 54 12.59 22.86 -10.66
CA GLN B 54 12.15 21.66 -11.37
C GLN B 54 12.29 20.41 -10.50
N VAL B 55 13.38 20.33 -9.72
CA VAL B 55 13.62 19.22 -8.80
C VAL B 55 12.64 19.39 -7.62
N ASN B 56 12.79 20.49 -6.87
CA ASN B 56 11.90 20.79 -5.74
C ASN B 56 11.27 22.18 -5.89
N PRO B 57 9.95 22.23 -6.25
CA PRO B 57 9.18 23.48 -6.41
C PRO B 57 9.11 24.34 -5.16
N LEU B 58 9.33 23.75 -3.97
CA LEU B 58 9.35 24.46 -2.70
C LEU B 58 10.65 25.24 -2.47
N LYS B 59 11.64 25.00 -3.35
CA LYS B 59 12.95 25.69 -3.42
C LYS B 59 13.75 25.60 -2.11
N LYS B 60 13.75 24.38 -1.56
CA LYS B 60 14.44 24.07 -0.33
C LYS B 60 15.23 22.78 -0.45
N VAL B 61 16.22 22.63 0.42
CA VAL B 61 17.07 21.45 0.52
C VAL B 61 16.92 20.83 1.94
N PRO B 62 17.10 19.49 2.11
CA PRO B 62 17.46 18.41 1.16
C PRO B 62 16.32 17.98 0.26
N ALA B 63 16.68 17.51 -0.93
CA ALA B 63 15.73 16.89 -1.87
C ALA B 63 16.39 15.62 -2.38
N LEU B 64 15.57 14.58 -2.55
CA LEU B 64 15.97 13.27 -3.01
C LEU B 64 15.28 12.96 -4.32
N LYS B 65 16.06 12.41 -5.26
CA LYS B 65 15.52 11.82 -6.50
C LYS B 65 16.04 10.40 -6.63
N ASP B 66 15.12 9.45 -6.79
CA ASP B 66 15.40 8.03 -6.94
C ASP B 66 14.54 7.58 -8.11
N GLY B 67 15.19 7.49 -9.28
CA GLY B 67 14.51 7.18 -10.52
C GLY B 67 13.69 8.41 -10.84
N ASP B 68 12.38 8.21 -11.00
CA ASP B 68 11.45 9.30 -11.30
C ASP B 68 10.71 9.81 -10.04
N PHE B 69 11.04 9.24 -8.88
CA PHE B 69 10.44 9.58 -7.60
C PHE B 69 11.19 10.73 -6.93
N THR B 70 10.46 11.79 -6.52
CA THR B 70 11.06 12.95 -5.83
C THR B 70 10.51 13.05 -4.40
N LEU B 71 11.42 13.20 -3.44
CA LEU B 71 11.05 13.29 -2.05
C LEU B 71 11.72 14.48 -1.37
N THR B 72 10.93 15.18 -0.56
CA THR B 72 11.40 16.29 0.28
C THR B 72 11.27 15.85 1.77
N GLU B 73 11.75 16.70 2.68
CA GLU B 73 11.75 16.55 4.16
C GLU B 73 12.80 15.59 4.62
N SER B 74 13.72 16.08 5.44
CA SER B 74 14.85 15.25 5.89
C SER B 74 14.45 14.03 6.68
N VAL B 75 13.42 14.13 7.52
CA VAL B 75 12.88 12.98 8.26
C VAL B 75 12.34 11.90 7.27
N ALA B 76 11.56 12.29 6.27
CA ALA B 76 11.06 11.35 5.26
C ALA B 76 12.19 10.72 4.44
N ILE B 77 13.14 11.54 4.01
CA ILE B 77 14.31 11.10 3.23
C ILE B 77 15.10 10.09 4.08
N LEU B 78 15.33 10.39 5.37
CA LEU B 78 16.06 9.45 6.26
C LEU B 78 15.33 8.11 6.42
N LEU B 79 14.01 8.15 6.54
CA LEU B 79 13.25 6.90 6.72
C LEU B 79 13.21 6.11 5.43
N TYR B 80 13.11 6.80 4.29
CA TYR B 80 13.08 6.15 2.98
C TYR B 80 14.35 5.39 2.72
N LEU B 81 15.50 6.01 3.03
CA LEU B 81 16.81 5.38 2.84
C LEU B 81 17.05 4.24 3.83
N THR B 82 16.56 4.38 5.07
CA THR B 82 16.62 3.38 6.12
C THR B 82 15.97 2.07 5.68
N ARG B 83 14.76 2.21 5.13
CA ARG B 83 13.99 1.07 4.65
C ARG B 83 14.48 0.51 3.31
N LYS B 84 14.73 1.36 2.31
CA LYS B 84 15.11 0.87 0.97
C LYS B 84 16.46 0.15 0.96
N TYR B 85 17.42 0.68 1.73
CA TYR B 85 18.80 0.16 1.74
C TYR B 85 19.04 -0.81 2.89
N LYS B 86 17.99 -1.09 3.67
CA LYS B 86 17.98 -2.11 4.74
C LYS B 86 19.18 -2.00 5.67
N VAL B 87 19.32 -0.82 6.27
CA VAL B 87 20.43 -0.45 7.17
C VAL B 87 20.36 -1.20 8.51
N PRO B 88 21.42 -1.16 9.37
CA PRO B 88 21.25 -1.83 10.67
C PRO B 88 20.05 -1.37 11.54
N ASP B 89 19.51 -2.32 12.32
CA ASP B 89 18.33 -2.14 13.19
C ASP B 89 18.38 -0.91 14.09
N TYR B 90 19.54 -0.60 14.69
CA TYR B 90 19.65 0.48 15.71
C TYR B 90 19.18 1.87 15.25
N TRP B 91 19.27 2.15 13.94
CA TRP B 91 18.83 3.43 13.37
C TRP B 91 17.34 3.69 13.57
N TYR B 92 16.54 2.64 13.47
CA TYR B 92 15.08 2.72 13.62
C TYR B 92 14.65 1.35 14.06
N PRO B 93 14.80 1.02 15.38
CA PRO B 93 14.62 -0.35 15.90
C PRO B 93 13.26 -0.97 15.58
N GLN B 94 13.27 -2.29 15.33
CA GLN B 94 12.05 -3.10 15.14
C GLN B 94 11.10 -3.01 16.33
N ASP B 95 11.66 -2.98 17.55
CA ASP B 95 10.92 -2.92 18.82
C ASP B 95 9.96 -1.75 18.84
N LEU B 96 8.69 -2.07 19.06
CA LEU B 96 7.56 -1.14 19.09
C LEU B 96 7.83 0.15 19.87
N GLN B 97 8.33 0.00 21.10
CA GLN B 97 8.55 1.15 21.97
C GLN B 97 9.81 1.92 21.63
N ALA B 98 10.88 1.22 21.22
CA ALA B 98 12.13 1.91 20.81
C ALA B 98 11.89 2.72 19.53
N ARG B 99 11.17 2.13 18.57
CA ARG B 99 10.76 2.81 17.34
C ARG B 99 9.94 4.06 17.70
N ALA B 100 9.04 3.92 18.66
CA ALA B 100 8.19 5.05 19.13
C ALA B 100 9.00 6.17 19.76
N ARG B 101 10.01 5.82 20.55
CA ARG B 101 10.91 6.85 21.09
C ARG B 101 11.63 7.64 19.99
N VAL B 102 12.02 6.96 18.91
CA VAL B 102 12.66 7.62 17.77
C VAL B 102 11.63 8.55 17.13
N ASP B 103 10.39 8.05 16.95
CA ASP B 103 9.32 8.88 16.34
C ASP B 103 9.00 10.10 17.19
N GLU B 104 9.04 9.93 18.52
CA GLU B 104 8.75 10.98 19.49
C GLU B 104 9.74 12.13 19.34
N TYR B 105 11.04 11.81 19.33
CA TYR B 105 12.10 12.82 19.11
C TYR B 105 11.96 13.50 17.73
N LEU B 106 11.90 12.71 16.66
CA LEU B 106 11.77 13.24 15.28
C LEU B 106 10.59 14.19 15.14
N ALA B 107 9.46 13.87 15.79
CA ALA B 107 8.30 14.78 15.77
C ALA B 107 8.51 16.04 16.62
N TRP B 108 9.01 15.88 17.85
CA TRP B 108 9.22 16.99 18.78
C TRP B 108 10.15 18.09 18.28
N GLN B 109 11.27 17.69 17.67
CA GLN B 109 12.38 18.63 17.28
C GLN B 109 12.01 19.69 16.24
N HIS B 110 11.06 19.38 15.35
CA HIS B 110 10.65 20.32 14.27
C HIS B 110 10.32 21.72 14.72
N THR B 111 9.60 21.82 15.84
CA THR B 111 9.06 23.08 16.34
C THR B 111 9.80 23.62 17.57
N THR B 112 10.86 22.92 17.97
CA THR B 112 11.58 23.26 19.20
C THR B 112 13.08 23.45 18.95
N LEU B 113 13.85 22.36 18.94
CA LEU B 113 15.31 22.42 18.78
C LEU B 113 15.69 22.86 17.35
N ARG B 114 14.96 22.37 16.34
CA ARG B 114 15.24 22.84 14.97
C ARG B 114 15.18 24.37 14.90
N ARG B 115 14.08 24.92 15.41
CA ARG B 115 13.81 26.36 15.37
C ARG B 115 14.84 27.18 16.18
N SER B 116 15.10 26.72 17.41
CA SER B 116 16.04 27.35 18.29
C SER B 116 17.49 27.40 17.77
N CYS B 117 17.93 26.30 17.15
CA CYS B 117 19.27 26.17 16.58
C CYS B 117 19.41 27.02 15.34
N LEU B 118 18.34 27.05 14.55
CA LEU B 118 18.30 27.87 13.34
C LEU B 118 18.35 29.37 13.70
N ARG B 119 17.52 29.79 14.65
CA ARG B 119 17.43 31.20 15.07
C ARG B 119 18.73 31.67 15.72
N ALA B 120 19.42 30.79 16.45
CA ALA B 120 20.73 31.11 17.04
C ALA B 120 21.75 31.43 15.96
N LEU B 121 21.81 30.61 14.88
CA LEU B 121 22.77 30.82 13.79
C LEU B 121 22.51 32.13 13.04
N TRP B 122 21.24 32.38 12.74
CA TRP B 122 20.86 33.58 11.96
C TRP B 122 20.94 34.89 12.76
N HIS B 123 20.52 34.88 14.03
CA HIS B 123 20.55 36.12 14.81
C HIS B 123 21.96 36.48 15.25
N LYS B 124 22.80 35.48 15.48
CA LYS B 124 24.19 35.75 15.91
C LYS B 124 25.14 35.96 14.73
N VAL B 125 25.03 35.14 13.69
CA VAL B 125 26.05 35.22 12.61
C VAL B 125 25.53 35.54 11.19
N MET B 126 24.60 34.75 10.67
CA MET B 126 24.24 34.88 9.24
C MET B 126 23.48 36.19 8.88
N PHE B 127 22.67 36.76 9.77
CA PHE B 127 22.09 38.11 9.47
C PHE B 127 23.18 39.22 9.47
N PRO B 128 23.95 39.43 10.58
CA PRO B 128 24.94 40.54 10.45
C PRO B 128 26.17 40.29 9.56
N VAL B 129 26.68 39.06 9.50
CA VAL B 129 27.89 38.76 8.70
C VAL B 129 27.54 38.59 7.23
N PHE B 130 26.65 37.64 6.94
CA PHE B 130 26.30 37.31 5.56
C PHE B 130 25.28 38.29 4.94
N LEU B 131 24.19 38.61 5.61
CA LEU B 131 23.22 39.55 4.96
C LEU B 131 23.45 41.02 5.35
N GLY B 132 24.44 41.31 6.19
CA GLY B 132 24.74 42.69 6.64
C GLY B 132 23.64 43.42 7.38
N GLU B 133 22.78 42.66 8.06
CA GLU B 133 21.66 43.20 8.81
C GLU B 133 21.91 42.99 10.29
N PRO B 134 22.14 44.08 11.05
CA PRO B 134 22.33 43.93 12.50
C PRO B 134 21.06 43.47 13.21
N VAL B 135 21.25 42.66 14.24
CA VAL B 135 20.16 42.11 15.02
C VAL B 135 20.20 42.81 16.35
N SER B 136 19.05 43.22 16.90
CA SER B 136 19.05 43.90 18.20
C SER B 136 19.57 42.93 19.27
N PRO B 137 20.37 43.43 20.26
CA PRO B 137 20.85 42.52 21.33
C PRO B 137 19.70 41.92 22.15
N GLN B 138 18.55 42.61 22.25
CA GLN B 138 17.36 42.07 22.93
C GLN B 138 16.83 40.82 22.20
N THR B 139 16.84 40.87 20.85
CA THR B 139 16.38 39.74 20.01
C THR B 139 17.34 38.55 20.19
N LEU B 140 18.65 38.83 20.13
CA LEU B 140 19.70 37.80 20.29
C LEU B 140 19.65 37.16 21.69
N ALA B 141 19.46 37.96 22.74
CA ALA B 141 19.34 37.48 24.14
C ALA B 141 18.16 36.54 24.33
N ALA B 142 17.02 36.91 23.75
CA ALA B 142 15.80 36.11 23.80
C ALA B 142 16.01 34.77 23.06
N THR B 143 16.66 34.84 21.89
CA THR B 143 16.98 33.65 21.08
C THR B 143 17.88 32.66 21.81
N LEU B 144 18.93 33.16 22.49
CA LEU B 144 19.86 32.29 23.20
C LEU B 144 19.23 31.71 24.49
N ALA B 145 18.32 32.48 25.12
CA ALA B 145 17.50 32.05 26.28
C ALA B 145 16.60 30.92 25.89
N GLU B 146 15.97 31.04 24.71
CA GLU B 146 15.12 29.99 24.18
C GLU B 146 15.97 28.76 23.81
N LEU B 147 17.21 28.98 23.32
CA LEU B 147 18.13 27.87 23.03
C LEU B 147 18.39 27.09 24.31
N ASP B 148 18.71 27.80 25.39
CA ASP B 148 18.92 27.19 26.72
C ASP B 148 17.76 26.29 27.16
N VAL B 149 16.53 26.77 27.00
CA VAL B 149 15.30 26.02 27.32
C VAL B 149 15.24 24.70 26.52
N THR B 150 15.44 24.77 25.19
CA THR B 150 15.38 23.55 24.34
C THR B 150 16.49 22.55 24.67
N LEU B 151 17.67 23.08 25.02
CA LEU B 151 18.82 22.24 25.42
C LEU B 151 18.53 21.53 26.74
N GLN B 152 17.86 22.24 27.64
CA GLN B 152 17.45 21.65 28.92
C GLN B 152 16.42 20.55 28.69
N LEU B 153 15.47 20.78 27.76
CA LEU B 153 14.45 19.77 27.40
C LEU B 153 15.10 18.56 26.73
N LEU B 154 16.13 18.79 25.91
CA LEU B 154 16.89 17.71 25.25
C LEU B 154 17.48 16.75 26.29
N GLU B 155 18.05 17.34 27.34
CA GLU B 155 18.60 16.58 28.47
C GLU B 155 17.50 15.91 29.29
N ASP B 156 16.54 16.70 29.78
CA ASP B 156 15.53 16.19 30.76
C ASP B 156 14.47 15.25 30.19
N LYS B 157 14.03 15.50 28.96
CA LYS B 157 13.00 14.66 28.35
C LYS B 157 13.61 13.51 27.53
N PHE B 158 14.68 13.76 26.78
CA PHE B 158 15.15 12.70 25.86
C PHE B 158 16.37 11.93 26.38
N LEU B 159 17.51 12.60 26.52
CA LEU B 159 18.75 11.89 26.84
C LEU B 159 18.68 11.24 28.21
N GLN B 160 18.30 12.06 29.21
CA GLN B 160 18.17 11.68 30.61
C GLN B 160 19.52 11.10 31.01
N ASN B 161 19.53 9.82 31.42
CA ASN B 161 20.77 9.17 31.88
C ASN B 161 21.24 8.08 30.95
N LYS B 162 20.72 8.06 29.73
CA LYS B 162 21.06 7.04 28.78
C LYS B 162 22.33 7.40 28.00
N ALA B 163 22.85 6.44 27.25
CA ALA B 163 23.98 6.62 26.35
C ALA B 163 23.62 7.51 25.16
N PHE B 164 22.44 7.25 24.59
CA PHE B 164 21.92 7.95 23.41
C PHE B 164 20.49 8.41 23.68
N LEU B 165 19.92 9.19 22.76
CA LEU B 165 18.56 9.80 23.04
C LEU B 165 17.39 8.84 23.26
N THR B 166 17.41 7.69 22.58
CA THR B 166 16.29 6.76 22.65
C THR B 166 16.64 5.38 23.25
N GLY B 167 17.90 5.19 23.64
CA GLY B 167 18.33 3.91 24.19
C GLY B 167 19.84 3.76 24.24
N PRO B 168 20.35 2.50 24.35
CA PRO B 168 21.80 2.24 24.48
C PRO B 168 22.60 2.42 23.18
N HIS B 169 21.91 2.54 22.05
CA HIS B 169 22.56 2.64 20.76
C HIS B 169 22.03 3.85 19.98
N ILE B 170 22.87 4.37 19.08
CA ILE B 170 22.56 5.53 18.24
C ILE B 170 21.31 5.24 17.37
N SER B 171 20.50 6.26 17.09
CA SER B 171 19.36 6.09 16.21
C SER B 171 19.25 7.31 15.32
N LEU B 172 18.23 7.35 14.46
CA LEU B 172 17.96 8.52 13.62
C LEU B 172 17.78 9.81 14.42
N ALA B 173 17.24 9.69 15.64
CA ALA B 173 17.04 10.80 16.55
C ALA B 173 18.35 11.52 16.91
N ASP B 174 19.39 10.74 17.25
CA ASP B 174 20.71 11.30 17.64
C ASP B 174 21.38 12.02 16.48
N LEU B 175 21.18 11.50 15.28
CA LEU B 175 21.68 12.11 14.05
C LEU B 175 21.04 13.48 13.81
N VAL B 176 19.71 13.57 13.88
CA VAL B 176 19.01 14.84 13.72
C VAL B 176 19.41 15.84 14.81
N ALA B 177 19.43 15.40 16.06
CA ALA B 177 19.78 16.28 17.19
C ALA B 177 21.19 16.83 17.12
N ILE B 178 22.17 15.98 16.77
CA ILE B 178 23.58 16.44 16.75
C ILE B 178 23.85 17.41 15.60
N THR B 179 23.22 17.19 14.45
CA THR B 179 23.39 18.12 13.33
C THR B 179 22.73 19.48 13.65
N GLU B 180 21.66 19.47 14.45
CA GLU B 180 20.96 20.68 14.92
C GLU B 180 21.86 21.44 15.88
N LEU B 181 22.40 20.74 16.88
CA LEU B 181 23.31 21.38 17.88
C LEU B 181 24.56 22.00 17.25
N MET B 182 24.96 21.51 16.08
CA MET B 182 26.15 22.07 15.44
C MET B 182 25.88 23.44 14.75
N HIS B 183 24.60 23.78 14.53
CA HIS B 183 24.23 25.12 14.04
C HIS B 183 24.70 26.21 15.05
N PRO B 184 24.25 26.18 16.34
CA PRO B 184 24.84 27.22 17.21
C PRO B 184 26.35 27.05 17.54
N VAL B 185 26.91 25.82 17.44
CA VAL B 185 28.38 25.60 17.59
C VAL B 185 29.09 26.43 16.52
N GLY B 186 28.63 26.31 15.26
CA GLY B 186 29.12 27.12 14.13
C GLY B 186 28.91 28.60 14.33
N ALA B 187 27.82 28.97 15.02
CA ALA B 187 27.58 30.38 15.33
C ALA B 187 28.47 30.88 16.49
N GLY B 188 29.18 29.97 17.17
CA GLY B 188 30.10 30.35 18.25
C GLY B 188 29.49 30.31 19.64
N CYS B 189 28.27 29.77 19.76
CA CYS B 189 27.57 29.66 21.03
C CYS B 189 28.21 28.60 21.92
N GLN B 190 28.05 28.75 23.22
CA GLN B 190 28.56 27.77 24.16
C GLN B 190 27.48 26.71 24.38
N VAL B 191 27.41 25.75 23.46
CA VAL B 191 26.39 24.71 23.50
C VAL B 191 26.72 23.61 24.53
N PHE B 192 27.91 23.04 24.41
CA PHE B 192 28.26 21.88 25.28
C PHE B 192 28.96 22.29 26.60
N GLU B 193 29.35 23.57 26.71
CA GLU B 193 29.99 24.14 27.90
C GLU B 193 28.99 24.16 29.05
N GLY B 194 29.39 23.58 30.19
CA GLY B 194 28.50 23.50 31.35
C GLY B 194 27.38 22.47 31.26
N ARG B 195 27.41 21.66 30.19
CA ARG B 195 26.42 20.59 29.94
C ARG B 195 27.22 19.28 29.72
N PRO B 196 27.81 18.70 30.80
CA PRO B 196 28.71 17.53 30.65
C PRO B 196 28.05 16.28 30.05
N LYS B 197 26.77 16.05 30.41
CA LYS B 197 26.01 14.89 29.91
C LYS B 197 25.80 15.00 28.39
N LEU B 198 25.57 16.23 27.90
CA LEU B 198 25.46 16.46 26.44
C LEU B 198 26.81 16.34 25.75
N ALA B 199 27.85 16.77 26.45
CA ALA B 199 29.22 16.77 25.95
C ALA B 199 29.73 15.35 25.73
N THR B 200 29.45 14.45 26.67
CA THR B 200 29.88 13.04 26.54
C THR B 200 29.05 12.33 25.48
N TRP B 201 27.75 12.68 25.39
CA TRP B 201 26.85 12.15 24.36
C TRP B 201 27.35 12.52 22.96
N ARG B 202 27.75 13.78 22.77
CA ARG B 202 28.31 14.25 21.49
C ARG B 202 29.50 13.42 21.06
N GLN B 203 30.42 13.16 22.00
CA GLN B 203 31.58 12.33 21.72
C GLN B 203 31.20 10.88 21.37
N ARG B 204 30.19 10.32 22.05
CA ARG B 204 29.68 8.98 21.70
C ARG B 204 29.06 8.97 20.29
N VAL B 205 28.32 10.04 19.95
CA VAL B 205 27.67 10.15 18.61
C VAL B 205 28.72 10.27 17.52
N GLU B 206 29.73 11.13 17.75
CA GLU B 206 30.84 11.30 16.79
C GLU B 206 31.54 9.96 16.47
N ALA B 207 31.77 9.14 17.51
CA ALA B 207 32.40 7.82 17.36
C ALA B 207 31.56 6.80 16.56
N ALA B 208 30.24 6.79 16.81
CA ALA B 208 29.28 5.89 16.16
C ALA B 208 29.12 6.19 14.66
N VAL B 209 29.12 7.46 14.33
CA VAL B 209 29.03 8.01 13.01
C VAL B 209 30.38 7.93 12.26
N GLY B 210 31.47 8.02 13.01
CA GLY B 210 32.84 8.08 12.46
C GLY B 210 33.24 9.54 12.57
N GLU B 211 34.26 9.82 13.40
CA GLU B 211 34.73 11.20 13.67
C GLU B 211 35.15 11.96 12.42
N ASP B 212 35.79 11.27 11.48
CA ASP B 212 36.27 11.87 10.22
C ASP B 212 35.11 12.33 9.37
N LEU B 213 34.08 11.48 9.30
CA LEU B 213 32.84 11.80 8.57
C LEU B 213 32.11 12.96 9.23
N PHE B 214 32.05 12.93 10.57
CA PHE B 214 31.41 13.98 11.37
C PHE B 214 32.06 15.33 11.06
N GLN B 215 33.39 15.36 11.13
CA GLN B 215 34.18 16.58 10.84
C GLN B 215 33.99 17.10 9.41
N GLU B 216 34.07 16.17 8.44
CA GLU B 216 33.87 16.43 7.01
C GLU B 216 32.51 17.07 6.69
N ALA B 217 31.46 16.53 7.30
CA ALA B 217 30.08 17.03 7.10
C ALA B 217 29.85 18.40 7.69
N HIS B 218 30.67 18.76 8.69
CA HIS B 218 30.52 20.02 9.42
C HIS B 218 31.53 21.12 9.10
N GLU B 219 32.33 20.87 8.06
CA GLU B 219 33.33 21.84 7.56
C GLU B 219 32.77 23.20 7.16
N VAL B 220 31.60 23.21 6.49
CA VAL B 220 30.97 24.46 6.00
C VAL B 220 30.32 25.30 7.13
N ILE B 221 29.53 24.66 8.01
CA ILE B 221 28.89 25.38 9.12
C ILE B 221 29.92 25.92 10.14
N LEU B 222 31.04 25.21 10.33
CA LEU B 222 32.08 25.66 11.26
C LEU B 222 32.85 26.89 10.74
N LYS B 223 32.69 27.21 9.46
CA LYS B 223 33.33 28.39 8.86
C LYS B 223 32.32 29.46 8.36
N ALA B 224 31.06 29.36 8.83
CA ALA B 224 29.97 30.31 8.51
C ALA B 224 30.30 31.77 8.87
N LYS B 225 31.08 31.95 9.94
CA LYS B 225 31.61 33.23 10.40
C LYS B 225 32.50 33.96 9.37
N ASP B 226 33.21 33.18 8.55
CA ASP B 226 34.12 33.67 7.52
C ASP B 226 33.47 33.89 6.16
N PHE B 227 32.14 33.72 6.07
CA PHE B 227 31.41 33.97 4.82
C PHE B 227 31.50 35.44 4.38
N PRO B 228 31.85 35.69 3.08
CA PRO B 228 31.84 37.05 2.58
C PRO B 228 30.38 37.52 2.48
N PRO B 229 30.09 38.82 2.75
CA PRO B 229 28.72 39.35 2.66
C PRO B 229 28.07 39.11 1.29
N ALA B 230 26.76 38.88 1.32
CA ALA B 230 25.96 38.60 0.13
C ALA B 230 25.91 39.75 -0.85
N ASP B 231 25.70 39.36 -2.11
CA ASP B 231 25.50 40.19 -3.26
C ASP B 231 24.16 40.91 -3.05
N PRO B 232 24.07 42.23 -3.39
CA PRO B 232 22.83 43.04 -3.20
C PRO B 232 21.56 42.44 -3.87
N THR B 233 21.72 41.75 -5.00
CA THR B 233 20.63 41.07 -5.68
C THR B 233 20.30 39.75 -4.94
N ILE B 234 21.35 39.00 -4.57
CA ILE B 234 21.24 37.74 -3.80
C ILE B 234 20.56 38.02 -2.43
N LYS B 235 21.02 39.05 -1.72
CA LYS B 235 20.45 39.50 -0.43
C LYS B 235 18.95 39.81 -0.55
N GLN B 236 18.58 40.52 -1.62
CA GLN B 236 17.19 40.90 -1.92
C GLN B 236 16.27 39.69 -2.11
N LYS B 237 16.75 38.70 -2.88
CA LYS B 237 16.01 37.45 -3.14
C LYS B 237 15.90 36.54 -1.92
N LEU B 238 16.99 36.47 -1.14
CA LEU B 238 17.06 35.62 0.06
C LEU B 238 16.33 36.19 1.28
N MET B 239 16.22 37.52 1.40
CA MET B 239 15.58 38.19 2.57
C MET B 239 14.13 37.69 2.91
N PRO B 240 13.15 37.61 1.95
CA PRO B 240 11.83 37.13 2.41
C PRO B 240 11.79 35.64 2.76
N ARG B 241 12.65 34.86 2.08
CA ARG B 241 12.82 33.43 2.27
C ARG B 241 13.38 33.15 3.66
N VAL B 242 14.36 33.96 4.06
CA VAL B 242 14.97 33.87 5.39
C VAL B 242 13.99 34.34 6.48
N LEU B 243 13.28 35.46 6.28
CA LEU B 243 12.30 35.96 7.29
C LEU B 243 11.15 34.96 7.55
N ALA B 244 10.72 34.25 6.49
CA ALA B 244 9.70 33.20 6.62
C ALA B 244 10.29 31.93 7.22
N MET B 245 11.60 31.76 7.08
CA MET B 245 12.34 30.65 7.64
C MET B 245 12.55 30.76 9.15
N ILE B 246 12.81 32.00 9.60
CA ILE B 246 13.24 32.27 11.00
C ILE B 246 12.09 32.28 12.05
N ARG B 247 10.87 32.62 11.65
CA ARG B 247 9.64 32.73 12.51
C ARG B 247 9.43 31.69 13.68
N GLY C 9 15.58 -1.66 -7.37
CA GLY C 9 14.51 -1.12 -8.26
C GLY C 9 13.51 -2.19 -8.63
N LEU C 10 12.62 -1.88 -9.56
CA LEU C 10 11.66 -2.85 -10.05
C LEU C 10 12.33 -3.85 -11.00
N GLU C 11 12.13 -5.14 -10.72
CA GLU C 11 12.67 -6.20 -11.54
C GLU C 11 11.58 -7.12 -12.03
N LEU C 12 11.63 -7.48 -13.31
CA LEU C 12 10.67 -8.42 -13.85
C LEU C 12 11.40 -9.66 -14.38
N TYR C 13 11.11 -10.81 -13.76
CA TYR C 13 11.70 -12.10 -14.09
C TYR C 13 10.80 -12.77 -15.13
N LEU C 14 11.29 -12.84 -16.36
CA LEU C 14 10.46 -13.28 -17.49
C LEU C 14 11.16 -14.15 -18.52
N ASP C 15 10.38 -14.94 -19.27
CA ASP C 15 10.84 -15.64 -20.46
C ASP C 15 9.78 -15.40 -21.51
N LEU C 16 10.16 -14.77 -22.63
CA LEU C 16 9.18 -14.45 -23.70
C LEU C 16 8.59 -15.70 -24.42
N LEU C 17 9.10 -16.89 -24.11
CA LEU C 17 8.51 -18.15 -24.56
C LEU C 17 7.13 -18.33 -23.90
N SER C 18 7.02 -17.93 -22.63
CA SER C 18 5.81 -18.04 -21.81
C SER C 18 4.68 -17.00 -22.09
N GLN C 19 3.44 -17.49 -22.25
CA GLN C 19 2.24 -16.60 -22.50
C GLN C 19 2.02 -15.54 -21.36
N PRO C 20 2.03 -15.93 -20.04
CA PRO C 20 1.86 -14.84 -19.05
C PRO C 20 3.02 -13.82 -18.99
N CYS C 21 4.24 -14.24 -19.36
CA CYS C 21 5.39 -13.31 -19.39
C CYS C 21 5.26 -12.27 -20.49
N ARG C 22 4.76 -12.71 -21.65
CA ARG C 22 4.52 -11.80 -22.78
C ARG C 22 3.49 -10.72 -22.46
N ALA C 23 2.44 -11.07 -21.69
CA ALA C 23 1.41 -10.09 -21.29
C ALA C 23 2.03 -9.01 -20.38
N VAL C 24 2.85 -9.46 -19.44
CA VAL C 24 3.56 -8.59 -18.48
C VAL C 24 4.59 -7.73 -19.21
N TYR C 25 5.31 -8.33 -20.16
CA TYR C 25 6.34 -7.62 -20.94
C TYR C 25 5.73 -6.49 -21.77
N ILE C 26 4.70 -6.81 -22.56
CA ILE C 26 3.97 -5.84 -23.39
C ILE C 26 3.41 -4.70 -22.56
N PHE C 27 2.83 -5.02 -21.40
CA PHE C 27 2.22 -4.01 -20.54
C PHE C 27 3.20 -3.01 -19.98
N ALA C 28 4.29 -3.52 -19.40
CA ALA C 28 5.34 -2.70 -18.77
C ALA C 28 6.07 -1.82 -19.79
N LYS C 29 6.31 -2.37 -21.00
CA LYS C 29 6.96 -1.61 -22.07
C LYS C 29 6.03 -0.55 -22.68
N LYS C 30 4.78 -0.90 -23.00
CA LYS C 30 3.78 0.03 -23.57
C LYS C 30 3.53 1.27 -22.68
N ASN C 31 3.54 1.06 -21.37
CA ASN C 31 3.28 2.12 -20.42
C ASN C 31 4.53 2.84 -19.93
N ASP C 32 5.68 2.53 -20.55
CA ASP C 32 7.00 3.12 -20.28
C ASP C 32 7.39 2.95 -18.80
N ILE C 33 7.10 1.77 -18.24
CA ILE C 33 7.38 1.49 -16.85
C ILE C 33 8.83 1.06 -16.73
N PRO C 34 9.66 1.80 -15.96
CA PRO C 34 11.06 1.44 -15.81
C PRO C 34 11.24 0.15 -15.03
N PHE C 35 11.91 -0.82 -15.62
CA PHE C 35 12.21 -2.08 -14.95
C PHE C 35 13.50 -2.66 -15.47
N GLU C 36 14.09 -3.53 -14.64
CA GLU C 36 15.24 -4.32 -14.91
C GLU C 36 14.70 -5.66 -15.41
N LEU C 37 14.97 -5.97 -16.67
CA LEU C 37 14.57 -7.24 -17.29
C LEU C 37 15.56 -8.31 -16.89
N ARG C 38 15.02 -9.38 -16.30
CA ARG C 38 15.80 -10.52 -15.85
C ARG C 38 15.27 -11.75 -16.56
N ILE C 39 15.95 -12.13 -17.63
CA ILE C 39 15.55 -13.29 -18.43
C ILE C 39 15.89 -14.58 -17.71
N VAL C 40 14.87 -15.41 -17.48
CA VAL C 40 14.99 -16.71 -16.85
C VAL C 40 14.71 -17.73 -17.94
N ASP C 41 15.79 -18.33 -18.45
CA ASP C 41 15.76 -19.23 -19.59
C ASP C 41 15.15 -20.59 -19.24
N LEU C 42 13.88 -20.75 -19.59
CA LEU C 42 13.08 -21.96 -19.34
C LEU C 42 13.63 -23.22 -20.03
N ILE C 43 14.07 -23.09 -21.29
CA ILE C 43 14.61 -24.26 -22.07
C ILE C 43 15.95 -24.71 -21.46
N LYS C 44 16.67 -23.81 -20.80
CA LYS C 44 17.93 -24.15 -20.11
C LYS C 44 17.68 -24.54 -18.64
N GLY C 45 16.42 -24.50 -18.22
CA GLY C 45 16.03 -24.86 -16.86
C GLY C 45 16.50 -23.93 -15.76
N GLN C 46 16.73 -22.64 -16.10
CA GLN C 46 17.15 -21.58 -15.13
C GLN C 46 16.20 -21.32 -13.97
N HIS C 47 14.92 -21.62 -14.19
CA HIS C 47 13.88 -21.44 -13.18
C HIS C 47 13.97 -22.47 -12.05
N LEU C 48 14.72 -23.54 -12.29
CA LEU C 48 14.96 -24.62 -11.33
C LEU C 48 16.24 -24.41 -10.51
N SER C 49 17.04 -23.40 -10.86
CA SER C 49 18.28 -23.08 -10.14
C SER C 49 17.97 -22.55 -8.73
N ASP C 50 18.93 -22.67 -7.81
CA ASP C 50 18.76 -22.18 -6.44
C ASP C 50 18.65 -20.66 -6.37
N ALA C 51 19.31 -19.97 -7.33
CA ALA C 51 19.25 -18.53 -7.47
C ALA C 51 17.82 -18.07 -7.80
N PHE C 52 17.14 -18.68 -8.78
CA PHE C 52 15.75 -18.24 -9.09
C PHE C 52 14.76 -18.74 -8.02
N ALA C 53 15.04 -19.88 -7.38
CA ALA C 53 14.19 -20.41 -6.30
C ALA C 53 14.16 -19.46 -5.09
N GLN C 54 15.16 -18.58 -4.96
CA GLN C 54 15.16 -17.55 -3.91
C GLN C 54 14.21 -16.42 -4.29
N VAL C 55 14.07 -16.15 -5.59
CA VAL C 55 13.16 -15.11 -6.04
C VAL C 55 11.72 -15.65 -5.94
N ASN C 56 11.47 -16.76 -6.64
CA ASN C 56 10.19 -17.44 -6.62
C ASN C 56 10.35 -18.94 -6.26
N PRO C 57 10.07 -19.31 -4.97
CA PRO C 57 10.12 -20.73 -4.53
C PRO C 57 9.26 -21.69 -5.36
N LEU C 58 8.17 -21.21 -5.95
CA LEU C 58 7.32 -22.02 -6.83
C LEU C 58 7.97 -22.39 -8.16
N LYS C 59 9.11 -21.74 -8.46
CA LYS C 59 9.97 -22.02 -9.64
C LYS C 59 9.23 -21.76 -10.98
N LYS C 60 8.47 -20.67 -11.03
CA LYS C 60 7.71 -20.32 -12.23
C LYS C 60 7.85 -18.85 -12.57
N VAL C 61 7.64 -18.53 -13.83
CA VAL C 61 7.70 -17.18 -14.31
C VAL C 61 6.30 -16.84 -14.83
N PRO C 62 5.90 -15.57 -14.81
CA PRO C 62 6.55 -14.32 -14.39
C PRO C 62 6.64 -14.16 -12.87
N ALA C 63 7.63 -13.38 -12.48
CA ALA C 63 7.82 -13.04 -11.10
C ALA C 63 8.24 -11.60 -11.07
N LEU C 64 7.71 -10.86 -10.09
CA LEU C 64 8.04 -9.44 -9.93
C LEU C 64 8.76 -9.27 -8.61
N LYS C 65 9.80 -8.43 -8.61
CA LYS C 65 10.47 -8.11 -7.36
C LYS C 65 10.70 -6.58 -7.31
N ASP C 66 10.36 -5.98 -6.18
CA ASP C 66 10.46 -4.53 -5.99
C ASP C 66 10.98 -4.38 -4.59
N GLY C 67 12.31 -4.44 -4.45
CA GLY C 67 12.94 -4.45 -3.13
C GLY C 67 12.62 -5.77 -2.47
N ASP C 68 12.24 -5.75 -1.20
CA ASP C 68 11.84 -6.97 -0.49
C ASP C 68 10.41 -7.48 -0.82
N PHE C 69 9.66 -6.76 -1.66
CA PHE C 69 8.29 -7.15 -2.07
C PHE C 69 8.37 -8.04 -3.30
N THR C 70 7.85 -9.26 -3.20
CA THR C 70 7.88 -10.18 -4.34
C THR C 70 6.45 -10.61 -4.64
N LEU C 71 6.17 -10.70 -5.92
CA LEU C 71 4.85 -11.06 -6.37
C LEU C 71 4.89 -12.05 -7.53
N THR C 72 3.97 -13.02 -7.49
CA THR C 72 3.78 -13.97 -8.59
C THR C 72 2.38 -13.77 -9.18
N GLU C 73 2.09 -14.52 -10.24
CA GLU C 73 0.81 -14.53 -10.99
C GLU C 73 0.71 -13.33 -11.89
N SER C 74 0.68 -13.58 -13.21
CA SER C 74 0.60 -12.51 -14.21
C SER C 74 -0.56 -11.56 -13.97
N VAL C 75 -1.73 -12.08 -13.54
CA VAL C 75 -2.91 -11.20 -13.28
C VAL C 75 -2.61 -10.25 -12.11
N ALA C 76 -2.07 -10.78 -11.01
CA ALA C 76 -1.68 -9.96 -9.86
C ALA C 76 -0.62 -8.95 -10.22
N ILE C 77 0.36 -9.37 -11.05
CA ILE C 77 1.43 -8.47 -11.50
C ILE C 77 0.87 -7.34 -12.37
N LEU C 78 0.02 -7.68 -13.35
CA LEU C 78 -0.61 -6.67 -14.21
C LEU C 78 -1.43 -5.64 -13.43
N LEU C 79 -2.22 -6.09 -12.45
CA LEU C 79 -3.03 -5.19 -11.61
C LEU C 79 -2.17 -4.31 -10.69
N TYR C 80 -1.11 -4.91 -10.12
CA TYR C 80 -0.14 -4.17 -9.31
C TYR C 80 0.52 -3.01 -10.08
N LEU C 81 1.06 -3.34 -11.27
CA LEU C 81 1.69 -2.34 -12.17
C LEU C 81 0.73 -1.24 -12.60
N THR C 82 -0.50 -1.64 -12.92
CA THR C 82 -1.61 -0.76 -13.26
C THR C 82 -1.82 0.32 -12.19
N ARG C 83 -1.85 -0.14 -10.94
CA ARG C 83 -2.14 0.72 -9.81
C ARG C 83 -0.95 1.57 -9.36
N LYS C 84 0.23 0.96 -9.23
CA LYS C 84 1.43 1.70 -8.79
C LYS C 84 1.92 2.75 -9.81
N TYR C 85 1.84 2.44 -11.10
CA TYR C 85 2.38 3.38 -12.09
C TYR C 85 1.31 4.24 -12.78
N LYS C 86 0.09 4.20 -12.20
CA LYS C 86 -1.07 5.02 -12.60
C LYS C 86 -1.25 5.09 -14.11
N VAL C 87 -1.52 3.94 -14.72
CA VAL C 87 -1.61 3.83 -16.18
C VAL C 87 -2.93 4.41 -16.69
N PRO C 88 -3.04 4.68 -18.03
CA PRO C 88 -4.33 5.13 -18.57
C PRO C 88 -5.52 4.23 -18.19
N ASP C 89 -6.66 4.88 -17.99
CA ASP C 89 -7.89 4.24 -17.50
C ASP C 89 -8.37 3.07 -18.35
N TYR C 90 -8.04 3.00 -19.64
CA TYR C 90 -8.61 1.93 -20.52
C TYR C 90 -8.21 0.49 -20.10
N TRP C 91 -7.00 0.34 -19.51
CA TRP C 91 -6.45 -0.96 -19.10
C TRP C 91 -7.31 -1.64 -18.03
N TYR C 92 -7.84 -0.84 -17.11
CA TYR C 92 -8.66 -1.33 -16.01
C TYR C 92 -9.64 -0.22 -15.67
N PRO C 93 -10.72 -0.06 -16.48
CA PRO C 93 -11.65 1.12 -16.39
C PRO C 93 -12.26 1.36 -15.02
N GLN C 94 -12.30 2.63 -14.60
CA GLN C 94 -12.88 3.06 -13.31
C GLN C 94 -14.35 2.66 -13.19
N ASP C 95 -15.05 2.65 -14.32
CA ASP C 95 -16.43 2.25 -14.44
C ASP C 95 -16.62 0.82 -13.91
N LEU C 96 -17.46 0.72 -12.89
CA LEU C 96 -17.76 -0.52 -12.14
C LEU C 96 -18.04 -1.75 -13.03
N GLN C 97 -18.96 -1.60 -13.97
CA GLN C 97 -19.36 -2.69 -14.86
C GLN C 97 -18.27 -2.98 -15.89
N ALA C 98 -17.59 -1.95 -16.42
CA ALA C 98 -16.51 -2.17 -17.41
C ALA C 98 -15.33 -2.89 -16.76
N ARG C 99 -15.04 -2.54 -15.49
CA ARG C 99 -14.00 -3.17 -14.66
C ARG C 99 -14.37 -4.63 -14.44
N ALA C 100 -15.66 -4.86 -14.15
CA ALA C 100 -16.22 -6.21 -13.94
C ALA C 100 -16.03 -7.10 -15.17
N ARG C 101 -16.19 -6.53 -16.37
CA ARG C 101 -15.97 -7.25 -17.63
C ARG C 101 -14.50 -7.71 -17.76
N VAL C 102 -13.56 -6.84 -17.39
CA VAL C 102 -12.13 -7.16 -17.37
C VAL C 102 -11.88 -8.32 -16.38
N ASP C 103 -12.45 -8.20 -15.18
CA ASP C 103 -12.32 -9.21 -14.12
C ASP C 103 -12.89 -10.54 -14.53
N GLU C 104 -14.03 -10.50 -15.25
CA GLU C 104 -14.72 -11.69 -15.75
C GLU C 104 -13.83 -12.45 -16.71
N TYR C 105 -13.20 -11.73 -17.66
CA TYR C 105 -12.32 -12.38 -18.61
C TYR C 105 -11.08 -12.92 -17.86
N LEU C 106 -10.46 -12.08 -17.04
CA LEU C 106 -9.21 -12.48 -16.32
C LEU C 106 -9.41 -13.78 -15.49
N ALA C 107 -10.56 -13.91 -14.84
CA ALA C 107 -10.92 -15.09 -14.07
C ALA C 107 -11.19 -16.31 -14.96
N TRP C 108 -12.02 -16.15 -15.98
CA TRP C 108 -12.38 -17.22 -16.92
C TRP C 108 -11.23 -17.90 -17.63
N GLN C 109 -10.28 -17.10 -18.11
CA GLN C 109 -9.17 -17.58 -18.98
C GLN C 109 -8.23 -18.60 -18.34
N HIS C 110 -8.04 -18.56 -17.01
CA HIS C 110 -7.09 -19.46 -16.32
C HIS C 110 -7.34 -20.94 -16.60
N THR C 111 -8.61 -21.36 -16.57
CA THR C 111 -8.94 -22.77 -16.70
C THR C 111 -9.38 -23.16 -18.11
N THR C 112 -9.43 -22.20 -19.02
CA THR C 112 -10.02 -22.46 -20.33
C THR C 112 -9.03 -22.14 -21.44
N LEU C 113 -8.98 -20.87 -21.85
CA LEU C 113 -8.11 -20.46 -22.98
C LEU C 113 -6.61 -20.60 -22.64
N ARG C 114 -6.22 -20.26 -21.42
CA ARG C 114 -4.84 -20.44 -21.01
C ARG C 114 -4.44 -21.89 -21.19
N ARG C 115 -5.24 -22.79 -20.61
CA ARG C 115 -5.03 -24.23 -20.66
C ARG C 115 -4.98 -24.78 -22.11
N SER C 116 -5.93 -24.39 -22.96
CA SER C 116 -5.96 -24.95 -24.33
C SER C 116 -4.82 -24.45 -25.21
N CYS C 117 -4.34 -23.22 -24.99
CA CYS C 117 -3.24 -22.67 -25.81
C CYS C 117 -1.90 -23.29 -25.41
N LEU C 118 -1.73 -23.53 -24.11
CA LEU C 118 -0.54 -24.19 -23.62
C LEU C 118 -0.45 -25.64 -24.10
N ARG C 119 -1.56 -26.37 -23.99
CA ARG C 119 -1.61 -27.78 -24.42
C ARG C 119 -1.39 -27.88 -25.96
N ALA C 120 -1.94 -26.92 -26.74
CA ALA C 120 -1.76 -26.90 -28.22
C ALA C 120 -0.30 -26.78 -28.60
N LEU C 121 0.43 -25.86 -27.97
CA LEU C 121 1.87 -25.70 -28.18
C LEU C 121 2.63 -26.99 -27.83
N TRP C 122 2.30 -27.57 -26.68
CA TRP C 122 3.08 -28.76 -26.22
C TRP C 122 2.74 -30.04 -27.00
N HIS C 123 1.45 -30.28 -27.25
CA HIS C 123 1.05 -31.50 -27.98
C HIS C 123 1.44 -31.43 -29.47
N LYS C 124 1.33 -30.25 -30.09
CA LYS C 124 1.68 -30.16 -31.51
C LYS C 124 3.19 -30.01 -31.75
N VAL C 125 3.87 -29.21 -30.92
CA VAL C 125 5.30 -28.91 -31.19
C VAL C 125 6.35 -29.24 -30.08
N MET C 126 6.19 -28.74 -28.86
CA MET C 126 7.30 -28.81 -27.88
C MET C 126 7.58 -30.21 -27.28
N PHE C 127 6.58 -31.09 -27.16
CA PHE C 127 6.87 -32.49 -26.81
C PHE C 127 7.65 -33.19 -27.98
N PRO C 128 7.11 -33.25 -29.24
CA PRO C 128 7.90 -33.94 -30.30
C PRO C 128 9.22 -33.28 -30.75
N VAL C 129 9.28 -31.95 -30.85
CA VAL C 129 10.49 -31.30 -31.37
C VAL C 129 11.50 -31.04 -30.26
N PHE C 130 11.06 -30.37 -29.20
CA PHE C 130 11.99 -30.00 -28.14
C PHE C 130 12.23 -31.17 -27.17
N LEU C 131 11.21 -31.90 -26.76
CA LEU C 131 11.49 -32.99 -25.78
C LEU C 131 11.68 -34.38 -26.45
N GLY C 132 11.55 -34.45 -27.78
CA GLY C 132 11.67 -35.70 -28.54
C GLY C 132 10.67 -36.79 -28.12
N GLU C 133 9.51 -36.36 -27.62
CA GLU C 133 8.45 -37.23 -27.12
C GLU C 133 7.25 -37.19 -28.04
N PRO C 134 6.96 -38.32 -28.72
CA PRO C 134 5.84 -38.33 -29.65
C PRO C 134 4.52 -38.26 -28.89
N VAL C 135 3.54 -37.62 -29.50
CA VAL C 135 2.22 -37.44 -28.93
C VAL C 135 1.23 -38.20 -29.80
N SER C 136 0.39 -38.98 -29.13
CA SER C 136 -0.73 -39.69 -29.71
C SER C 136 -1.62 -38.75 -30.54
N PRO C 137 -1.93 -39.10 -31.82
CA PRO C 137 -2.80 -38.23 -32.67
C PRO C 137 -4.20 -37.96 -32.12
N GLN C 138 -4.73 -38.87 -31.30
CA GLN C 138 -6.01 -38.69 -30.64
C GLN C 138 -5.88 -37.66 -29.51
N THR C 139 -4.72 -37.62 -28.85
CA THR C 139 -4.42 -36.61 -27.83
C THR C 139 -4.36 -35.23 -28.51
N LEU C 140 -3.61 -35.14 -29.61
CA LEU C 140 -3.47 -33.86 -30.32
C LEU C 140 -4.82 -33.38 -30.85
N ALA C 141 -5.64 -34.28 -31.40
CA ALA C 141 -6.98 -33.94 -31.94
C ALA C 141 -7.91 -33.40 -30.87
N ALA C 142 -7.92 -34.05 -29.70
CA ALA C 142 -8.74 -33.64 -28.56
C ALA C 142 -8.31 -32.26 -28.07
N THR C 143 -6.99 -32.03 -28.02
CA THR C 143 -6.40 -30.74 -27.65
C THR C 143 -6.81 -29.62 -28.61
N LEU C 144 -6.76 -29.91 -29.90
CA LEU C 144 -7.17 -28.90 -30.89
C LEU C 144 -8.69 -28.71 -30.92
N ALA C 145 -9.44 -29.76 -30.58
CA ALA C 145 -10.90 -29.67 -30.40
C ALA C 145 -11.26 -28.78 -29.19
N GLU C 146 -10.52 -28.91 -28.09
CA GLU C 146 -10.73 -28.06 -26.89
C GLU C 146 -10.37 -26.61 -27.19
N LEU C 147 -9.32 -26.41 -28.00
CA LEU C 147 -8.90 -25.07 -28.44
C LEU C 147 -10.01 -24.37 -29.25
N ASP C 148 -10.59 -25.15 -30.16
CA ASP C 148 -11.67 -24.74 -31.05
C ASP C 148 -12.85 -24.22 -30.23
N VAL C 149 -13.22 -24.97 -29.19
CA VAL C 149 -14.32 -24.60 -28.26
C VAL C 149 -13.98 -23.29 -27.53
N THR C 150 -12.76 -23.16 -26.98
CA THR C 150 -12.35 -21.89 -26.29
C THR C 150 -12.26 -20.67 -27.23
N LEU C 151 -11.94 -20.91 -28.50
CA LEU C 151 -11.92 -19.84 -29.50
C LEU C 151 -13.35 -19.38 -29.80
N GLN C 152 -14.27 -20.34 -29.90
CA GLN C 152 -15.70 -20.04 -30.12
C GLN C 152 -16.26 -19.26 -28.91
N LEU C 153 -15.89 -19.69 -27.69
CA LEU C 153 -16.28 -19.01 -26.45
C LEU C 153 -15.70 -17.60 -26.34
N LEU C 154 -14.46 -17.40 -26.79
CA LEU C 154 -13.79 -16.09 -26.81
C LEU C 154 -14.60 -15.09 -27.64
N GLU C 155 -15.12 -15.57 -28.77
CA GLU C 155 -15.94 -14.77 -29.67
C GLU C 155 -17.36 -14.58 -29.16
N ASP C 156 -18.06 -15.67 -28.83
CA ASP C 156 -19.48 -15.62 -28.42
C ASP C 156 -19.75 -14.97 -27.06
N LYS C 157 -18.93 -15.27 -26.07
CA LYS C 157 -19.14 -14.74 -24.73
C LYS C 157 -18.45 -13.37 -24.55
N PHE C 158 -17.26 -13.19 -25.09
CA PHE C 158 -16.52 -11.95 -24.77
C PHE C 158 -16.48 -10.91 -25.88
N LEU C 159 -15.83 -11.19 -27.00
CA LEU C 159 -15.63 -10.16 -28.04
C LEU C 159 -16.93 -9.68 -28.68
N GLN C 160 -17.76 -10.65 -29.11
CA GLN C 160 -19.05 -10.41 -29.77
C GLN C 160 -18.87 -9.45 -30.96
N ASN C 161 -19.46 -8.26 -30.89
CA ASN C 161 -19.43 -7.28 -31.99
C ASN C 161 -18.74 -6.00 -31.63
N LYS C 162 -17.93 -6.11 -30.60
CA LYS C 162 -17.20 -4.98 -30.08
C LYS C 162 -15.82 -4.91 -30.71
N ALA C 163 -15.19 -3.76 -30.55
CA ALA C 163 -13.82 -3.57 -31.03
C ALA C 163 -12.83 -4.38 -30.19
N PHE C 164 -13.10 -4.45 -28.88
CA PHE C 164 -12.20 -5.18 -27.98
C PHE C 164 -13.04 -6.06 -27.05
N LEU C 165 -12.37 -6.94 -26.30
CA LEU C 165 -13.10 -7.95 -25.47
C LEU C 165 -14.07 -7.42 -24.43
N THR C 166 -13.78 -6.24 -23.86
CA THR C 166 -14.62 -5.67 -22.79
C THR C 166 -15.30 -4.34 -23.16
N GLY C 167 -14.90 -3.73 -24.27
CA GLY C 167 -15.48 -2.47 -24.71
C GLY C 167 -14.84 -1.91 -25.96
N PRO C 168 -14.93 -0.57 -26.16
CA PRO C 168 -14.36 0.11 -27.34
C PRO C 168 -12.84 0.32 -27.30
N HIS C 169 -12.24 0.18 -26.12
CA HIS C 169 -10.79 0.34 -25.97
C HIS C 169 -10.17 -0.95 -25.42
N ILE C 170 -8.86 -1.11 -25.69
CA ILE C 170 -8.07 -2.24 -25.21
C ILE C 170 -8.01 -2.23 -23.69
N SER C 171 -7.95 -3.41 -23.07
CA SER C 171 -7.82 -3.53 -21.64
C SER C 171 -6.83 -4.63 -21.34
N LEU C 172 -6.64 -4.91 -20.06
CA LEU C 172 -5.80 -6.01 -19.60
C LEU C 172 -6.26 -7.36 -20.14
N ALA C 173 -7.58 -7.51 -20.33
CA ALA C 173 -8.19 -8.71 -20.88
C ALA C 173 -7.63 -9.04 -22.27
N ASP C 174 -7.58 -8.03 -23.16
CA ASP C 174 -7.05 -8.24 -24.54
C ASP C 174 -5.58 -8.62 -24.57
N LEU C 175 -4.77 -8.09 -23.63
CA LEU C 175 -3.33 -8.45 -23.55
C LEU C 175 -3.11 -9.88 -23.19
N VAL C 176 -3.88 -10.36 -22.20
CA VAL C 176 -3.87 -11.73 -21.77
C VAL C 176 -4.40 -12.63 -22.91
N ALA C 177 -5.53 -12.28 -23.53
CA ALA C 177 -6.08 -13.10 -24.63
C ALA C 177 -5.15 -13.19 -25.84
N ILE C 178 -4.60 -12.06 -26.29
CA ILE C 178 -3.77 -12.04 -27.52
C ILE C 178 -2.46 -12.82 -27.31
N THR C 179 -1.85 -12.71 -26.12
CA THR C 179 -0.59 -13.43 -25.86
C THR C 179 -0.87 -14.93 -25.75
N GLU C 180 -2.08 -15.27 -25.28
CA GLU C 180 -2.49 -16.68 -25.20
C GLU C 180 -2.67 -17.26 -26.60
N LEU C 181 -3.34 -16.54 -27.50
CA LEU C 181 -3.59 -17.03 -28.87
C LEU C 181 -2.34 -17.15 -29.72
N MET C 182 -1.30 -16.43 -29.34
CA MET C 182 -0.04 -16.50 -30.06
C MET C 182 0.76 -17.78 -29.73
N HIS C 183 0.34 -18.48 -28.67
CA HIS C 183 0.94 -19.76 -28.30
C HIS C 183 0.60 -20.80 -29.44
N PRO C 184 -0.71 -21.08 -29.78
CA PRO C 184 -0.91 -21.97 -30.94
C PRO C 184 -0.54 -21.38 -32.34
N VAL C 185 -0.49 -20.04 -32.48
CA VAL C 185 0.03 -19.42 -33.75
C VAL C 185 1.50 -19.88 -33.92
N GLY C 186 2.27 -19.78 -32.83
CA GLY C 186 3.66 -20.26 -32.76
C GLY C 186 3.81 -21.76 -32.97
N ALA C 187 2.78 -22.53 -32.61
CA ALA C 187 2.74 -23.99 -32.81
C ALA C 187 2.38 -24.39 -34.26
N GLY C 188 1.96 -23.43 -35.08
CA GLY C 188 1.58 -23.72 -36.47
C GLY C 188 0.10 -23.89 -36.73
N CYS C 189 -0.73 -23.61 -35.71
CA CYS C 189 -2.19 -23.68 -35.86
C CYS C 189 -2.68 -22.45 -36.60
N GLN C 190 -3.66 -22.65 -37.46
CA GLN C 190 -4.29 -21.53 -38.16
C GLN C 190 -5.47 -21.13 -37.29
N VAL C 191 -5.13 -20.33 -36.28
CA VAL C 191 -6.04 -19.83 -35.24
C VAL C 191 -7.06 -18.83 -35.76
N PHE C 192 -6.61 -17.89 -36.58
CA PHE C 192 -7.44 -16.79 -37.08
C PHE C 192 -8.13 -17.10 -38.43
N GLU C 193 -7.64 -18.12 -39.16
CA GLU C 193 -8.25 -18.58 -40.41
C GLU C 193 -9.65 -19.14 -40.15
N GLY C 194 -10.63 -18.57 -40.85
CA GLY C 194 -12.03 -18.94 -40.66
C GLY C 194 -12.71 -18.21 -39.52
N ARG C 195 -11.95 -17.39 -38.78
CA ARG C 195 -12.45 -16.61 -37.66
C ARG C 195 -12.17 -15.12 -37.94
N PRO C 196 -13.02 -14.47 -38.79
CA PRO C 196 -12.75 -13.07 -39.22
C PRO C 196 -12.86 -12.00 -38.12
N LYS C 197 -13.83 -12.17 -37.20
CA LYS C 197 -14.04 -11.22 -36.10
C LYS C 197 -12.84 -11.21 -35.14
N LEU C 198 -12.22 -12.37 -34.92
CA LEU C 198 -10.99 -12.47 -34.12
C LEU C 198 -9.77 -11.95 -34.87
N ALA C 199 -9.71 -12.20 -36.19
CA ALA C 199 -8.58 -11.75 -37.01
C ALA C 199 -8.49 -10.22 -37.07
N THR C 200 -9.64 -9.55 -37.24
CA THR C 200 -9.68 -8.07 -37.27
C THR C 200 -9.40 -7.52 -35.86
N TRP C 201 -9.85 -8.23 -34.82
CA TRP C 201 -9.56 -7.91 -33.42
C TRP C 201 -8.03 -7.98 -33.16
N ARG C 202 -7.38 -9.04 -33.67
CA ARG C 202 -5.92 -9.19 -33.57
C ARG C 202 -5.19 -7.96 -34.14
N GLN C 203 -5.64 -7.50 -35.32
CA GLN C 203 -5.10 -6.32 -36.01
C GLN C 203 -5.23 -5.06 -35.18
N ARG C 204 -6.39 -4.89 -34.54
CA ARG C 204 -6.66 -3.74 -33.67
C ARG C 204 -5.78 -3.76 -32.41
N VAL C 205 -5.64 -4.96 -31.82
CA VAL C 205 -4.83 -5.14 -30.60
C VAL C 205 -3.36 -4.88 -30.93
N GLU C 206 -2.87 -5.47 -32.03
CA GLU C 206 -1.49 -5.26 -32.52
C GLU C 206 -1.21 -3.75 -32.79
N ALA C 207 -2.21 -3.05 -33.34
CA ALA C 207 -2.13 -1.58 -33.57
C ALA C 207 -2.12 -0.78 -32.25
N ALA C 208 -2.98 -1.17 -31.30
CA ALA C 208 -3.08 -0.50 -29.99
C ALA C 208 -1.81 -0.69 -29.16
N VAL C 209 -1.24 -1.89 -29.24
CA VAL C 209 0.01 -2.26 -28.58
C VAL C 209 1.20 -1.56 -29.27
N GLY C 210 1.15 -1.51 -30.60
CA GLY C 210 2.25 -1.00 -31.43
C GLY C 210 2.84 -2.25 -32.05
N GLU C 211 2.98 -2.23 -33.38
CA GLU C 211 3.43 -3.39 -34.19
C GLU C 211 4.81 -3.85 -33.80
N ASP C 212 5.73 -2.91 -33.63
CA ASP C 212 7.13 -3.19 -33.26
C ASP C 212 7.26 -3.86 -31.89
N LEU C 213 6.50 -3.37 -30.92
CA LEU C 213 6.48 -3.96 -29.57
C LEU C 213 5.83 -5.34 -29.57
N PHE C 214 4.69 -5.47 -30.26
CA PHE C 214 3.98 -6.74 -30.37
C PHE C 214 4.86 -7.83 -30.98
N GLN C 215 5.57 -7.48 -32.07
CA GLN C 215 6.44 -8.43 -32.77
C GLN C 215 7.64 -8.81 -31.89
N GLU C 216 8.23 -7.83 -31.21
CA GLU C 216 9.37 -8.02 -30.28
C GLU C 216 9.06 -9.00 -29.14
N ALA C 217 7.85 -8.90 -28.61
CA ALA C 217 7.40 -9.77 -27.50
C ALA C 217 7.20 -11.21 -27.95
N HIS C 218 6.80 -11.37 -29.22
CA HIS C 218 6.50 -12.70 -29.81
C HIS C 218 7.60 -13.33 -30.66
N GLU C 219 8.83 -12.81 -30.58
CA GLU C 219 9.93 -13.38 -31.40
C GLU C 219 10.31 -14.82 -31.03
N VAL C 220 10.34 -15.12 -29.73
CA VAL C 220 10.72 -16.45 -29.21
C VAL C 220 9.65 -17.50 -29.54
N ILE C 221 8.38 -17.24 -29.23
CA ILE C 221 7.27 -18.21 -29.48
C ILE C 221 7.14 -18.59 -30.97
N LEU C 222 7.41 -17.64 -31.87
CA LEU C 222 7.35 -17.89 -33.32
C LEU C 222 8.54 -18.74 -33.84
N LYS C 223 9.59 -18.86 -33.01
CA LYS C 223 10.80 -19.66 -33.28
C LYS C 223 10.86 -20.99 -32.50
N ALA C 224 9.80 -21.29 -31.73
CA ALA C 224 9.69 -22.52 -30.89
C ALA C 224 9.94 -23.84 -31.64
N LYS C 225 9.35 -23.96 -32.83
CA LYS C 225 9.52 -25.14 -33.72
C LYS C 225 10.98 -25.39 -34.19
N ASP C 226 11.82 -24.36 -34.12
CA ASP C 226 13.23 -24.43 -34.52
C ASP C 226 14.17 -24.63 -33.35
N PHE C 227 13.61 -24.76 -32.13
CA PHE C 227 14.44 -25.06 -30.96
C PHE C 227 15.09 -26.43 -31.14
N PRO C 228 16.42 -26.51 -30.95
CA PRO C 228 17.12 -27.79 -31.01
C PRO C 228 16.68 -28.67 -29.86
N PRO C 229 16.59 -30.01 -30.08
CA PRO C 229 16.18 -30.93 -29.01
C PRO C 229 17.04 -30.78 -27.75
N ALA C 230 16.37 -30.81 -26.60
CA ALA C 230 17.02 -30.69 -25.29
C ALA C 230 17.97 -31.82 -25.01
N ASP C 231 19.05 -31.48 -24.30
CA ASP C 231 20.05 -32.40 -23.75
C ASP C 231 19.39 -33.43 -22.87
N PRO C 232 19.88 -34.69 -22.86
CA PRO C 232 19.27 -35.72 -21.97
C PRO C 232 19.18 -35.28 -20.50
N THR C 233 20.21 -34.55 -20.04
CA THR C 233 20.30 -33.97 -18.70
C THR C 233 19.22 -32.89 -18.48
N ILE C 234 19.02 -32.05 -19.49
CA ILE C 234 18.02 -30.97 -19.49
C ILE C 234 16.59 -31.51 -19.60
N LYS C 235 16.38 -32.44 -20.54
CA LYS C 235 15.09 -33.11 -20.80
C LYS C 235 14.50 -33.75 -19.54
N GLN C 236 15.34 -34.42 -18.74
CA GLN C 236 14.80 -35.12 -17.57
C GLN C 236 14.63 -34.16 -16.37
N LYS C 237 15.25 -32.96 -16.41
CA LYS C 237 15.00 -31.94 -15.39
C LYS C 237 13.64 -31.30 -15.65
N LEU C 238 13.39 -31.04 -16.92
CA LEU C 238 12.15 -30.38 -17.38
C LEU C 238 10.95 -31.30 -17.48
N MET C 239 11.14 -32.58 -17.86
CA MET C 239 10.01 -33.56 -18.03
C MET C 239 8.97 -33.61 -16.85
N PRO C 240 9.41 -33.72 -15.55
CA PRO C 240 8.38 -33.72 -14.49
C PRO C 240 7.64 -32.39 -14.31
N ARG C 241 8.32 -31.29 -14.65
CA ARG C 241 7.76 -29.94 -14.61
C ARG C 241 6.69 -29.77 -15.72
N VAL C 242 7.03 -30.25 -16.91
CA VAL C 242 6.13 -30.19 -18.08
C VAL C 242 4.87 -31.06 -17.87
N LEU C 243 5.06 -32.28 -17.35
CA LEU C 243 3.92 -33.20 -17.07
C LEU C 243 2.92 -32.60 -16.05
N ALA C 244 3.44 -31.85 -15.06
CA ALA C 244 2.60 -31.15 -14.08
C ALA C 244 1.89 -29.93 -14.71
N MET C 245 2.57 -29.27 -15.64
CA MET C 245 2.01 -28.12 -16.34
C MET C 245 0.87 -28.48 -17.29
N ILE C 246 1.03 -29.62 -17.99
CA ILE C 246 0.05 -29.99 -19.05
C ILE C 246 -1.19 -30.72 -18.48
N ARG C 247 -0.94 -31.77 -17.69
CA ARG C 247 -1.97 -32.66 -17.04
C ARG C 247 -2.77 -33.46 -18.08
N GLY D 9 -33.20 -4.95 -9.53
CA GLY D 9 -32.83 -5.70 -8.29
C GLY D 9 -31.70 -6.71 -8.49
N LEU D 10 -30.91 -6.92 -7.44
CA LEU D 10 -29.80 -7.87 -7.49
C LEU D 10 -30.30 -9.31 -7.23
N GLU D 11 -29.93 -10.22 -8.15
CA GLU D 11 -30.26 -11.62 -8.05
C GLU D 11 -28.97 -12.45 -8.10
N LEU D 12 -28.89 -13.46 -7.25
CA LEU D 12 -27.74 -14.36 -7.25
C LEU D 12 -28.18 -15.79 -7.57
N TYR D 13 -27.72 -16.28 -8.72
CA TYR D 13 -27.97 -17.64 -9.22
C TYR D 13 -26.91 -18.56 -8.67
N LEU D 14 -27.30 -19.38 -7.71
CA LEU D 14 -26.40 -20.23 -6.93
C LEU D 14 -26.92 -21.62 -6.62
N ASP D 15 -25.98 -22.51 -6.28
CA ASP D 15 -26.28 -23.81 -5.73
C ASP D 15 -25.17 -24.00 -4.73
N LEU D 16 -25.52 -24.17 -3.45
CA LEU D 16 -24.53 -24.33 -2.34
C LEU D 16 -23.68 -25.63 -2.41
N LEU D 17 -24.05 -26.55 -3.30
CA LEU D 17 -23.21 -27.69 -3.62
C LEU D 17 -21.84 -27.23 -4.18
N SER D 18 -21.89 -26.19 -5.00
CA SER D 18 -20.75 -25.59 -5.69
C SER D 18 -19.87 -24.72 -4.80
N GLN D 19 -18.54 -24.96 -4.87
CA GLN D 19 -17.53 -24.16 -4.09
C GLN D 19 -17.59 -22.62 -4.43
N PRO D 20 -17.58 -22.22 -5.75
CA PRO D 20 -17.68 -20.77 -6.03
C PRO D 20 -18.98 -20.11 -5.62
N CYS D 21 -20.11 -20.84 -5.65
CA CYS D 21 -21.39 -20.32 -5.15
C CYS D 21 -21.37 -20.11 -3.65
N ARG D 22 -20.73 -21.03 -2.93
CA ARG D 22 -20.64 -20.83 -1.47
C ARG D 22 -19.85 -19.56 -1.10
N ALA D 23 -18.78 -19.23 -1.85
CA ALA D 23 -17.98 -18.02 -1.62
C ALA D 23 -18.83 -16.76 -1.80
N VAL D 24 -19.56 -16.70 -2.92
CA VAL D 24 -20.48 -15.60 -3.23
C VAL D 24 -21.59 -15.46 -2.17
N TYR D 25 -22.21 -16.58 -1.79
CA TYR D 25 -23.29 -16.59 -0.80
C TYR D 25 -22.84 -16.03 0.54
N ILE D 26 -21.71 -16.55 1.03
CA ILE D 26 -21.16 -16.10 2.33
C ILE D 26 -20.83 -14.61 2.28
N PHE D 27 -20.14 -14.15 1.23
CA PHE D 27 -19.79 -12.75 1.12
C PHE D 27 -21.02 -11.82 1.19
N ALA D 28 -22.01 -12.10 0.36
CA ALA D 28 -23.21 -11.27 0.27
C ALA D 28 -24.01 -11.25 1.59
N LYS D 29 -24.16 -12.40 2.23
CA LYS D 29 -24.93 -12.45 3.51
C LYS D 29 -24.17 -11.80 4.66
N LYS D 30 -22.87 -12.08 4.75
CA LYS D 30 -22.02 -11.49 5.80
C LYS D 30 -22.07 -9.97 5.75
N ASN D 31 -22.10 -9.40 4.54
CA ASN D 31 -22.11 -7.96 4.34
C ASN D 31 -23.51 -7.33 4.25
N ASP D 32 -24.53 -8.13 4.59
CA ASP D 32 -25.96 -7.74 4.56
C ASP D 32 -26.35 -7.12 3.22
N ILE D 33 -25.83 -7.68 2.13
CA ILE D 33 -26.14 -7.18 0.80
C ILE D 33 -27.53 -7.74 0.42
N PRO D 34 -28.51 -6.85 0.13
CA PRO D 34 -29.81 -7.39 -0.29
C PRO D 34 -29.74 -8.01 -1.68
N PHE D 35 -30.22 -9.24 -1.78
CA PHE D 35 -30.29 -9.96 -3.04
C PHE D 35 -31.43 -10.95 -2.99
N GLU D 36 -31.92 -11.29 -4.17
CA GLU D 36 -32.90 -12.34 -4.31
C GLU D 36 -32.13 -13.61 -4.61
N LEU D 37 -32.31 -14.63 -3.77
CA LEU D 37 -31.66 -15.91 -3.95
C LEU D 37 -32.41 -16.71 -5.00
N ARG D 38 -31.70 -17.18 -6.02
CA ARG D 38 -32.30 -17.98 -7.06
C ARG D 38 -31.52 -19.29 -7.12
N ILE D 39 -32.07 -20.33 -6.48
CA ILE D 39 -31.45 -21.66 -6.43
C ILE D 39 -31.63 -22.34 -7.79
N VAL D 40 -30.50 -22.75 -8.36
CA VAL D 40 -30.42 -23.45 -9.61
C VAL D 40 -29.90 -24.84 -9.26
N ASP D 41 -30.81 -25.83 -9.21
CA ASP D 41 -30.49 -27.20 -8.80
C ASP D 41 -29.64 -27.94 -9.86
N LEU D 42 -28.35 -28.09 -9.54
CA LEU D 42 -27.36 -28.74 -10.42
C LEU D 42 -27.60 -30.25 -10.59
N ILE D 43 -28.03 -30.86 -9.50
CA ILE D 43 -28.36 -32.28 -9.36
C ILE D 43 -29.55 -32.66 -10.26
N LYS D 44 -30.44 -31.71 -10.47
CA LYS D 44 -31.62 -31.88 -11.32
C LYS D 44 -31.36 -31.35 -12.73
N GLY D 45 -30.14 -30.83 -12.94
CA GLY D 45 -29.73 -30.26 -14.23
C GLY D 45 -30.50 -29.02 -14.65
N GLN D 46 -30.91 -28.20 -13.68
CA GLN D 46 -31.66 -26.96 -13.93
C GLN D 46 -30.81 -25.89 -14.62
N HIS D 47 -29.48 -26.01 -14.50
CA HIS D 47 -28.53 -25.11 -15.14
C HIS D 47 -28.47 -25.37 -16.64
N LEU D 48 -28.84 -26.59 -17.04
CA LEU D 48 -28.89 -27.00 -18.44
C LEU D 48 -30.21 -26.63 -19.13
N SER D 49 -31.18 -26.09 -18.37
CA SER D 49 -32.48 -25.70 -18.91
C SER D 49 -32.38 -24.46 -19.80
N ASP D 50 -33.38 -24.27 -20.68
CA ASP D 50 -33.42 -23.10 -21.58
C ASP D 50 -33.51 -21.80 -20.79
N ALA D 51 -34.34 -21.81 -19.74
CA ALA D 51 -34.54 -20.69 -18.82
C ALA D 51 -33.23 -20.21 -18.18
N PHE D 52 -32.35 -21.13 -17.74
CA PHE D 52 -31.07 -20.68 -17.17
C PHE D 52 -30.09 -20.27 -18.27
N ALA D 53 -30.19 -20.88 -19.45
CA ALA D 53 -29.33 -20.52 -20.62
C ALA D 53 -29.58 -19.07 -21.10
N GLN D 54 -30.75 -18.53 -20.76
CA GLN D 54 -31.13 -17.14 -21.02
C GLN D 54 -30.38 -16.22 -20.05
N VAL D 55 -30.25 -16.66 -18.79
CA VAL D 55 -29.50 -15.93 -17.76
C VAL D 55 -27.98 -16.02 -18.03
N ASN D 56 -27.48 -17.25 -18.16
CA ASN D 56 -26.08 -17.52 -18.45
C ASN D 56 -25.96 -18.59 -19.53
N PRO D 57 -25.59 -18.17 -20.78
CA PRO D 57 -25.35 -19.09 -21.92
C PRO D 57 -24.29 -20.18 -21.66
N LEU D 58 -23.32 -19.88 -20.80
CA LEU D 58 -22.28 -20.85 -20.41
C LEU D 58 -22.82 -22.03 -19.54
N LYS D 59 -24.07 -21.91 -19.06
CA LYS D 59 -24.80 -22.94 -18.26
C LYS D 59 -24.05 -23.32 -16.98
N LYS D 60 -23.48 -22.31 -16.33
CA LYS D 60 -22.72 -22.50 -15.09
C LYS D 60 -23.16 -21.51 -14.00
N VAL D 61 -22.95 -21.95 -12.76
CA VAL D 61 -23.23 -21.16 -11.58
C VAL D 61 -21.86 -20.89 -10.90
N PRO D 62 -21.68 -19.74 -10.21
CA PRO D 62 -22.59 -18.61 -9.96
C PRO D 62 -22.77 -17.66 -11.14
N ALA D 63 -23.91 -16.99 -11.11
CA ALA D 63 -24.28 -15.97 -12.06
C ALA D 63 -24.96 -14.84 -11.27
N LEU D 64 -24.59 -13.62 -11.58
CA LEU D 64 -25.14 -12.45 -10.95
C LEU D 64 -25.98 -11.71 -11.97
N LYS D 65 -27.10 -11.17 -11.55
CA LYS D 65 -27.88 -10.30 -12.43
C LYS D 65 -28.28 -9.06 -11.63
N ASP D 66 -27.97 -7.90 -12.19
CA ASP D 66 -28.22 -6.61 -11.60
C ASP D 66 -28.86 -5.76 -12.67
N GLY D 67 -30.19 -5.92 -12.82
CA GLY D 67 -30.97 -5.27 -13.88
C GLY D 67 -30.56 -5.88 -15.21
N ASP D 68 -30.12 -5.04 -16.14
CA ASP D 68 -29.66 -5.53 -17.45
C ASP D 68 -28.19 -6.00 -17.45
N PHE D 69 -27.52 -5.85 -16.32
CA PHE D 69 -26.13 -6.28 -16.18
C PHE D 69 -26.02 -7.71 -15.62
N THR D 70 -25.43 -8.60 -16.41
CA THR D 70 -25.19 -9.97 -15.96
C THR D 70 -23.68 -10.22 -15.89
N LEU D 71 -23.28 -10.91 -14.82
CA LEU D 71 -21.87 -11.21 -14.57
C LEU D 71 -21.66 -12.65 -14.14
N THR D 72 -20.61 -13.27 -14.67
CA THR D 72 -20.21 -14.61 -14.28
C THR D 72 -18.82 -14.49 -13.67
N GLU D 73 -18.34 -15.63 -13.18
CA GLU D 73 -17.05 -15.86 -12.49
C GLU D 73 -17.13 -15.35 -11.08
N SER D 74 -17.04 -16.29 -10.13
CA SER D 74 -17.11 -15.96 -8.70
C SER D 74 -16.14 -14.86 -8.28
N VAL D 75 -14.89 -14.87 -8.78
CA VAL D 75 -13.90 -13.81 -8.47
C VAL D 75 -14.38 -12.40 -8.92
N ALA D 76 -14.84 -12.31 -10.16
CA ALA D 76 -15.43 -11.07 -10.73
C ALA D 76 -16.66 -10.57 -9.96
N ILE D 77 -17.53 -11.50 -9.56
CA ILE D 77 -18.74 -11.25 -8.76
C ILE D 77 -18.37 -10.72 -7.38
N LEU D 78 -17.37 -11.36 -6.73
CA LEU D 78 -16.94 -10.92 -5.38
C LEU D 78 -16.40 -9.50 -5.38
N LEU D 79 -15.55 -9.17 -6.35
CA LEU D 79 -14.97 -7.83 -6.53
C LEU D 79 -15.99 -6.76 -6.89
N TYR D 80 -16.95 -7.12 -7.75
CA TYR D 80 -18.08 -6.26 -8.09
C TYR D 80 -18.89 -5.91 -6.85
N LEU D 81 -19.23 -6.91 -6.06
CA LEU D 81 -20.00 -6.70 -4.82
C LEU D 81 -19.22 -5.89 -3.78
N THR D 82 -17.90 -6.11 -3.72
CA THR D 82 -16.98 -5.35 -2.87
C THR D 82 -16.99 -3.86 -3.20
N ARG D 83 -16.96 -3.54 -4.49
CA ARG D 83 -16.93 -2.16 -4.97
C ARG D 83 -18.28 -1.47 -4.92
N LYS D 84 -19.34 -2.17 -5.31
CA LYS D 84 -20.69 -1.58 -5.34
C LYS D 84 -21.24 -1.34 -3.95
N TYR D 85 -20.97 -2.25 -3.01
CA TYR D 85 -21.62 -2.12 -1.69
C TYR D 85 -20.71 -1.57 -0.58
N LYS D 86 -19.46 -1.23 -0.92
CA LYS D 86 -18.52 -0.53 0.01
C LYS D 86 -18.34 -1.24 1.37
N VAL D 87 -17.95 -2.50 1.28
CA VAL D 87 -17.76 -3.43 2.39
C VAL D 87 -16.54 -3.02 3.24
N PRO D 88 -16.32 -3.62 4.46
CA PRO D 88 -15.08 -3.27 5.19
C PRO D 88 -13.79 -3.49 4.37
N ASP D 89 -12.75 -2.70 4.68
CA ASP D 89 -11.46 -2.77 3.96
C ASP D 89 -10.78 -4.13 3.95
N TYR D 90 -10.97 -4.94 4.99
CA TYR D 90 -10.22 -6.25 5.07
C TYR D 90 -10.47 -7.22 3.86
N TRP D 91 -11.65 -7.13 3.24
CA TRP D 91 -12.01 -8.00 2.11
C TRP D 91 -11.10 -7.80 0.92
N TYR D 92 -10.87 -6.55 0.56
CA TYR D 92 -10.02 -6.25 -0.56
C TYR D 92 -9.29 -4.97 -0.17
N PRO D 93 -8.21 -5.09 0.65
CA PRO D 93 -7.54 -3.91 1.26
C PRO D 93 -7.07 -2.86 0.28
N GLN D 94 -7.19 -1.60 0.68
CA GLN D 94 -6.77 -0.50 -0.19
C GLN D 94 -5.23 -0.44 -0.34
N ASP D 95 -4.49 -0.95 0.65
CA ASP D 95 -3.02 -1.01 0.59
C ASP D 95 -2.59 -1.78 -0.63
N LEU D 96 -1.73 -1.18 -1.44
CA LEU D 96 -1.25 -1.77 -2.71
C LEU D 96 -0.71 -3.18 -2.58
N GLN D 97 0.16 -3.38 -1.59
CA GLN D 97 0.77 -4.70 -1.38
C GLN D 97 -0.20 -5.73 -0.80
N ALA D 98 -1.07 -5.31 0.12
CA ALA D 98 -2.10 -6.21 0.66
C ALA D 98 -3.10 -6.62 -0.43
N ARG D 99 -3.50 -5.67 -1.27
CA ARG D 99 -4.40 -5.93 -2.39
C ARG D 99 -3.75 -6.94 -3.37
N ALA D 100 -2.45 -6.74 -3.63
CA ALA D 100 -1.66 -7.65 -4.48
C ALA D 100 -1.66 -9.07 -3.94
N ARG D 101 -1.56 -9.21 -2.61
CA ARG D 101 -1.56 -10.56 -2.01
C ARG D 101 -2.89 -11.27 -2.24
N VAL D 102 -3.98 -10.52 -2.12
CA VAL D 102 -5.35 -11.05 -2.39
C VAL D 102 -5.41 -11.49 -3.86
N ASP D 103 -4.97 -10.61 -4.78
CA ASP D 103 -4.94 -10.89 -6.23
C ASP D 103 -4.10 -12.13 -6.56
N GLU D 104 -2.94 -12.24 -5.93
CA GLU D 104 -2.03 -13.37 -6.10
C GLU D 104 -2.71 -14.67 -5.72
N TYR D 105 -3.40 -14.72 -4.56
CA TYR D 105 -4.11 -15.94 -4.19
C TYR D 105 -5.28 -16.21 -5.18
N LEU D 106 -6.11 -15.21 -5.45
CA LEU D 106 -7.31 -15.39 -6.31
C LEU D 106 -6.92 -15.89 -7.70
N ALA D 107 -5.78 -15.41 -8.22
CA ALA D 107 -5.27 -15.86 -9.52
C ALA D 107 -4.71 -17.27 -9.44
N TRP D 108 -3.87 -17.55 -8.42
CA TRP D 108 -3.25 -18.90 -8.22
C TRP D 108 -4.23 -20.07 -8.06
N GLN D 109 -5.29 -19.87 -7.26
CA GLN D 109 -6.22 -20.97 -6.88
C GLN D 109 -6.94 -21.63 -8.07
N HIS D 110 -7.26 -20.86 -9.11
CA HIS D 110 -8.01 -21.40 -10.28
C HIS D 110 -7.51 -22.73 -10.86
N THR D 111 -6.20 -22.85 -11.03
CA THR D 111 -5.60 -24.01 -11.69
C THR D 111 -4.94 -24.99 -10.73
N THR D 112 -5.03 -24.69 -9.44
CA THR D 112 -4.35 -25.47 -8.43
C THR D 112 -5.33 -25.96 -7.38
N LEU D 113 -5.59 -25.18 -6.33
CA LEU D 113 -6.47 -25.65 -5.21
C LEU D 113 -7.91 -25.92 -5.66
N ARG D 114 -8.48 -25.03 -6.48
CA ARG D 114 -9.82 -25.22 -7.05
C ARG D 114 -9.93 -26.59 -7.73
N ARG D 115 -8.97 -26.88 -8.60
CA ARG D 115 -8.92 -28.14 -9.34
C ARG D 115 -8.75 -29.36 -8.43
N SER D 116 -7.81 -29.28 -7.49
CA SER D 116 -7.58 -30.39 -6.55
C SER D 116 -8.79 -30.76 -5.70
N CYS D 117 -9.50 -29.74 -5.20
CA CYS D 117 -10.68 -29.91 -4.35
C CYS D 117 -11.86 -30.45 -5.12
N LEU D 118 -12.01 -29.98 -6.36
CA LEU D 118 -13.08 -30.47 -7.26
C LEU D 118 -12.84 -31.95 -7.57
N ARG D 119 -11.63 -32.30 -7.99
CA ARG D 119 -11.26 -33.69 -8.32
C ARG D 119 -11.40 -34.61 -7.10
N ALA D 120 -10.99 -34.14 -5.90
CA ALA D 120 -11.18 -34.95 -4.67
C ALA D 120 -12.64 -35.30 -4.45
N LEU D 121 -13.53 -34.31 -4.54
CA LEU D 121 -14.98 -34.58 -4.35
C LEU D 121 -15.53 -35.57 -5.38
N TRP D 122 -15.24 -35.30 -6.65
CA TRP D 122 -15.76 -36.14 -7.76
C TRP D 122 -15.15 -37.54 -7.79
N HIS D 123 -13.85 -37.67 -7.61
CA HIS D 123 -13.22 -39.01 -7.66
C HIS D 123 -13.52 -39.88 -6.40
N LYS D 124 -13.66 -39.26 -5.23
CA LYS D 124 -13.89 -40.05 -4.00
C LYS D 124 -15.37 -40.33 -3.77
N VAL D 125 -16.24 -39.39 -4.16
CA VAL D 125 -17.66 -39.51 -3.80
C VAL D 125 -18.62 -39.29 -4.95
N MET D 126 -18.59 -38.14 -5.62
CA MET D 126 -19.72 -37.83 -6.56
C MET D 126 -19.79 -38.76 -7.79
N PHE D 127 -18.67 -39.23 -8.32
CA PHE D 127 -18.73 -40.25 -9.41
C PHE D 127 -19.39 -41.57 -8.90
N PRO D 128 -18.82 -42.27 -7.86
CA PRO D 128 -19.53 -43.51 -7.45
C PRO D 128 -20.92 -43.35 -6.79
N VAL D 129 -21.10 -42.36 -5.92
CA VAL D 129 -22.37 -42.17 -5.18
C VAL D 129 -23.48 -41.56 -6.06
N PHE D 130 -23.19 -40.44 -6.72
CA PHE D 130 -24.23 -39.72 -7.47
C PHE D 130 -24.32 -40.18 -8.92
N LEU D 131 -23.20 -40.35 -9.60
CA LEU D 131 -23.27 -40.80 -11.02
C LEU D 131 -23.24 -42.34 -11.20
N GLY D 132 -23.06 -43.11 -10.12
CA GLY D 132 -22.98 -44.58 -10.20
C GLY D 132 -21.79 -45.09 -11.00
N GLU D 133 -20.69 -44.33 -11.02
CA GLU D 133 -19.51 -44.66 -11.80
C GLU D 133 -18.30 -44.90 -10.92
N PRO D 134 -17.84 -46.17 -10.82
CA PRO D 134 -16.62 -46.40 -10.00
C PRO D 134 -15.39 -45.74 -10.63
N VAL D 135 -14.49 -45.32 -9.75
CA VAL D 135 -13.27 -44.63 -10.09
C VAL D 135 -12.13 -45.58 -9.77
N SER D 136 -11.18 -45.66 -10.69
CA SER D 136 -9.97 -46.44 -10.56
C SER D 136 -9.21 -46.01 -9.32
N PRO D 137 -8.84 -46.96 -8.44
CA PRO D 137 -8.11 -46.57 -7.21
C PRO D 137 -6.76 -45.86 -7.51
N GLN D 138 -6.15 -46.16 -8.67
CA GLN D 138 -4.94 -45.46 -9.17
C GLN D 138 -5.25 -43.99 -9.39
N THR D 139 -6.42 -43.72 -9.95
CA THR D 139 -6.88 -42.35 -10.21
C THR D 139 -7.13 -41.61 -8.89
N LEU D 140 -7.82 -42.27 -7.96
CA LEU D 140 -8.12 -41.67 -6.65
C LEU D 140 -6.87 -41.40 -5.81
N ALA D 141 -5.92 -42.35 -5.79
CA ALA D 141 -4.64 -42.18 -5.04
C ALA D 141 -3.86 -40.97 -5.56
N ALA D 142 -3.85 -40.80 -6.90
CA ALA D 142 -3.20 -39.67 -7.56
C ALA D 142 -3.89 -38.35 -7.24
N THR D 143 -5.22 -38.39 -7.14
CA THR D 143 -6.02 -37.20 -6.81
C THR D 143 -5.75 -36.77 -5.36
N LEU D 144 -5.69 -37.74 -4.44
CA LEU D 144 -5.46 -37.37 -3.01
C LEU D 144 -4.01 -36.91 -2.79
N ALA D 145 -3.07 -37.47 -3.56
CA ALA D 145 -1.65 -37.07 -3.52
C ALA D 145 -1.50 -35.65 -4.01
N GLU D 146 -2.20 -35.31 -5.12
CA GLU D 146 -2.17 -33.95 -5.68
C GLU D 146 -2.82 -32.95 -4.72
N LEU D 147 -3.90 -33.38 -4.06
CA LEU D 147 -4.61 -32.56 -3.07
C LEU D 147 -3.66 -32.23 -1.91
N ASP D 148 -2.90 -33.25 -1.46
CA ASP D 148 -1.89 -33.11 -0.41
C ASP D 148 -0.88 -32.03 -0.78
N VAL D 149 -0.41 -32.04 -2.05
CA VAL D 149 0.54 -31.05 -2.61
C VAL D 149 -0.02 -29.63 -2.59
N THR D 150 -1.27 -29.43 -3.01
CA THR D 150 -1.86 -28.07 -3.00
C THR D 150 -2.09 -27.58 -1.56
N LEU D 151 -2.35 -28.51 -0.64
CA LEU D 151 -2.53 -28.17 0.78
C LEU D 151 -1.22 -27.72 1.41
N GLN D 152 -0.12 -28.35 0.98
CA GLN D 152 1.21 -27.99 1.50
C GLN D 152 1.58 -26.63 0.96
N LEU D 153 1.32 -26.39 -0.33
CA LEU D 153 1.55 -25.09 -0.97
C LEU D 153 0.69 -23.96 -0.40
N LEU D 154 -0.54 -24.28 0.03
CA LEU D 154 -1.43 -23.31 0.67
C LEU D 154 -0.84 -22.81 2.00
N GLU D 155 -0.29 -23.76 2.78
CA GLU D 155 0.35 -23.53 4.05
C GLU D 155 1.67 -22.78 3.82
N ASP D 156 2.50 -23.26 2.89
CA ASP D 156 3.88 -22.71 2.68
C ASP D 156 3.98 -21.42 1.89
N LYS D 157 3.19 -21.27 0.82
CA LYS D 157 3.26 -20.04 0.02
C LYS D 157 2.35 -18.95 0.57
N PHE D 158 1.18 -19.31 1.11
CA PHE D 158 0.22 -18.27 1.50
C PHE D 158 0.05 -18.03 3.00
N LEU D 159 -0.44 -19.02 3.76
CA LEU D 159 -0.77 -18.81 5.17
C LEU D 159 0.47 -18.50 6.00
N GLN D 160 1.51 -19.33 5.85
CA GLN D 160 2.82 -19.20 6.55
C GLN D 160 2.50 -19.19 8.04
N ASN D 161 2.93 -18.19 8.80
CA ASN D 161 2.50 -18.22 10.22
C ASN D 161 1.62 -17.00 10.59
N LYS D 162 0.85 -16.57 9.58
CA LYS D 162 -0.07 -15.46 9.75
C LYS D 162 -1.41 -15.97 10.25
N ALA D 163 -2.26 -15.05 10.70
CA ALA D 163 -3.61 -15.35 11.15
C ALA D 163 -4.51 -15.80 9.98
N PHE D 164 -4.37 -15.11 8.86
CA PHE D 164 -5.15 -15.36 7.66
C PHE D 164 -4.19 -15.40 6.47
N LEU D 165 -4.66 -15.83 5.31
CA LEU D 165 -3.77 -16.03 4.13
C LEU D 165 -3.00 -14.81 3.63
N THR D 166 -3.53 -13.60 3.80
CA THR D 166 -2.84 -12.42 3.26
C THR D 166 -2.50 -11.37 4.32
N GLY D 167 -2.79 -11.67 5.58
CA GLY D 167 -2.49 -10.71 6.66
C GLY D 167 -3.22 -11.04 7.95
N PRO D 168 -3.36 -10.07 8.89
CA PRO D 168 -3.99 -10.36 10.20
C PRO D 168 -5.53 -10.39 10.21
N HIS D 169 -6.14 -10.02 9.08
CA HIS D 169 -7.60 -10.00 8.94
C HIS D 169 -8.05 -10.86 7.74
N ILE D 170 -9.24 -11.49 7.85
CA ILE D 170 -9.83 -12.27 6.73
C ILE D 170 -9.93 -11.42 5.46
N SER D 171 -9.79 -12.04 4.29
CA SER D 171 -9.94 -11.33 3.04
C SER D 171 -10.73 -12.19 2.11
N LEU D 172 -10.92 -11.72 0.88
CA LEU D 172 -11.61 -12.52 -0.12
C LEU D 172 -10.85 -13.80 -0.42
N ALA D 173 -9.51 -13.75 -0.33
CA ALA D 173 -8.65 -14.92 -0.50
C ALA D 173 -9.05 -16.06 0.44
N ASP D 174 -9.22 -15.76 1.72
CA ASP D 174 -9.60 -16.79 2.71
C ASP D 174 -11.00 -17.37 2.44
N LEU D 175 -11.91 -16.52 1.99
CA LEU D 175 -13.26 -16.97 1.65
C LEU D 175 -13.25 -18.02 0.52
N VAL D 176 -12.53 -17.72 -0.57
CA VAL D 176 -12.38 -18.64 -1.68
C VAL D 176 -11.68 -19.95 -1.19
N ALA D 177 -10.60 -19.82 -0.43
CA ALA D 177 -9.87 -21.02 0.03
C ALA D 177 -10.67 -21.92 0.96
N ILE D 178 -11.37 -21.34 1.93
CA ILE D 178 -12.14 -22.17 2.88
C ILE D 178 -13.32 -22.87 2.16
N THR D 179 -13.95 -22.23 1.18
CA THR D 179 -15.10 -22.87 0.49
C THR D 179 -14.57 -23.98 -0.42
N GLU D 180 -13.36 -23.80 -0.97
CA GLU D 180 -12.66 -24.84 -1.72
C GLU D 180 -12.32 -26.02 -0.84
N LEU D 181 -11.69 -25.80 0.33
CA LEU D 181 -11.31 -26.91 1.23
C LEU D 181 -12.50 -27.72 1.77
N MET D 182 -13.67 -27.11 1.83
CA MET D 182 -14.88 -27.81 2.31
C MET D 182 -15.40 -28.85 1.30
N HIS D 183 -15.06 -28.72 0.00
CA HIS D 183 -15.32 -29.77 -1.01
C HIS D 183 -14.71 -31.14 -0.57
N PRO D 184 -13.35 -31.26 -0.36
CA PRO D 184 -12.88 -32.57 0.13
C PRO D 184 -13.31 -32.91 1.58
N VAL D 185 -13.58 -31.91 2.44
CA VAL D 185 -14.16 -32.16 3.79
C VAL D 185 -15.47 -32.94 3.60
N GLY D 186 -16.36 -32.40 2.76
CA GLY D 186 -17.67 -33.04 2.42
C GLY D 186 -17.54 -34.43 1.81
N ALA D 187 -16.42 -34.67 1.14
CA ALA D 187 -16.07 -35.94 0.52
C ALA D 187 -15.45 -36.96 1.50
N GLY D 188 -15.16 -36.55 2.73
CA GLY D 188 -14.58 -37.45 3.71
C GLY D 188 -13.07 -37.53 3.76
N CYS D 189 -12.38 -36.57 3.11
CA CYS D 189 -10.93 -36.52 3.12
C CYS D 189 -10.44 -35.98 4.43
N GLN D 190 -9.21 -36.34 4.80
CA GLN D 190 -8.59 -35.81 6.01
C GLN D 190 -7.85 -34.56 5.59
N VAL D 191 -8.57 -33.45 5.58
CA VAL D 191 -8.02 -32.16 5.12
C VAL D 191 -7.18 -31.48 6.21
N PHE D 192 -7.77 -31.30 7.38
CA PHE D 192 -7.15 -30.53 8.48
C PHE D 192 -6.37 -31.36 9.54
N GLU D 193 -6.44 -32.68 9.47
CA GLU D 193 -5.72 -33.57 10.37
C GLU D 193 -4.27 -33.63 9.95
N GLY D 194 -3.37 -33.45 10.90
CA GLY D 194 -1.93 -33.44 10.60
C GLY D 194 -1.44 -32.11 10.07
N ARG D 195 -2.36 -31.14 9.97
CA ARG D 195 -2.08 -29.79 9.49
C ARG D 195 -2.70 -28.83 10.50
N PRO D 196 -2.05 -28.65 11.68
CA PRO D 196 -2.68 -27.83 12.72
C PRO D 196 -2.77 -26.32 12.39
N LYS D 197 -1.90 -25.82 11.52
CA LYS D 197 -1.93 -24.39 11.12
C LYS D 197 -3.16 -24.07 10.26
N LEU D 198 -3.56 -25.00 9.37
CA LEU D 198 -4.78 -24.86 8.56
C LEU D 198 -6.02 -25.07 9.43
N ALA D 199 -5.89 -25.94 10.43
CA ALA D 199 -6.96 -26.29 11.37
C ALA D 199 -7.34 -25.11 12.25
N THR D 200 -6.33 -24.38 12.74
CA THR D 200 -6.57 -23.20 13.59
C THR D 200 -7.06 -22.04 12.70
N TRP D 201 -6.52 -21.95 11.48
CA TRP D 201 -6.97 -20.97 10.47
C TRP D 201 -8.46 -21.14 10.16
N ARG D 202 -8.90 -22.38 9.93
CA ARG D 202 -10.32 -22.71 9.67
C ARG D 202 -11.24 -22.18 10.78
N GLN D 203 -10.84 -22.40 12.03
CA GLN D 203 -11.64 -21.94 13.21
C GLN D 203 -11.73 -20.40 13.22
N ARG D 204 -10.63 -19.74 12.88
CA ARG D 204 -10.62 -18.29 12.78
C ARG D 204 -11.53 -17.78 11.64
N VAL D 205 -11.49 -18.46 10.48
CA VAL D 205 -12.33 -18.10 9.31
C VAL D 205 -13.83 -18.29 9.63
N GLU D 206 -14.19 -19.42 10.25
CA GLU D 206 -15.58 -19.71 10.70
C GLU D 206 -16.10 -18.65 11.66
N ALA D 207 -15.24 -18.23 12.60
CA ALA D 207 -15.59 -17.19 13.55
C ALA D 207 -15.73 -15.84 12.85
N ALA D 208 -14.84 -15.52 11.91
CA ALA D 208 -14.89 -14.24 11.19
C ALA D 208 -16.12 -14.12 10.29
N VAL D 209 -16.48 -15.25 9.67
CA VAL D 209 -17.62 -15.36 8.79
C VAL D 209 -18.94 -15.43 9.58
N GLY D 210 -18.86 -16.05 10.75
CA GLY D 210 -20.01 -16.30 11.60
C GLY D 210 -20.37 -17.76 11.47
N GLU D 211 -20.34 -18.46 12.60
CA GLU D 211 -20.58 -19.92 12.71
C GLU D 211 -21.87 -20.40 12.07
N ASP D 212 -22.94 -19.62 12.21
CA ASP D 212 -24.23 -20.05 11.67
C ASP D 212 -24.22 -19.90 10.14
N LEU D 213 -23.71 -18.77 9.65
CA LEU D 213 -23.59 -18.52 8.21
C LEU D 213 -22.69 -19.59 7.55
N PHE D 214 -21.54 -19.88 8.17
CA PHE D 214 -20.64 -20.91 7.70
C PHE D 214 -21.30 -22.30 7.63
N GLN D 215 -22.05 -22.71 8.66
CA GLN D 215 -22.58 -24.09 8.60
C GLN D 215 -23.78 -24.12 7.61
N GLU D 216 -24.54 -23.02 7.53
CA GLU D 216 -25.69 -22.90 6.60
C GLU D 216 -25.25 -23.01 5.14
N ALA D 217 -24.19 -22.26 4.79
CA ALA D 217 -23.58 -22.29 3.45
C ALA D 217 -23.03 -23.68 3.11
N HIS D 218 -22.56 -24.45 4.10
CA HIS D 218 -21.97 -25.77 3.88
C HIS D 218 -22.89 -26.98 4.16
N GLU D 219 -24.18 -26.72 4.36
CA GLU D 219 -25.19 -27.75 4.65
C GLU D 219 -25.30 -28.82 3.56
N VAL D 220 -25.31 -28.38 2.29
CA VAL D 220 -25.45 -29.28 1.12
C VAL D 220 -24.20 -30.13 0.88
N ILE D 221 -23.03 -29.48 0.81
CA ILE D 221 -21.76 -30.20 0.56
C ILE D 221 -21.40 -31.24 1.66
N LEU D 222 -21.76 -30.97 2.92
CA LEU D 222 -21.45 -31.94 3.99
C LEU D 222 -22.34 -33.22 3.92
N LYS D 223 -23.43 -33.13 3.17
CA LYS D 223 -24.36 -34.25 2.93
C LYS D 223 -24.19 -34.93 1.55
N ALA D 224 -23.08 -34.63 0.85
CA ALA D 224 -22.74 -35.19 -0.49
C ALA D 224 -22.73 -36.73 -0.52
N LYS D 225 -22.10 -37.36 0.47
CA LYS D 225 -22.06 -38.83 0.64
C LYS D 225 -23.44 -39.52 0.72
N ASP D 226 -24.47 -38.72 1.02
CA ASP D 226 -25.85 -39.15 1.20
C ASP D 226 -26.77 -38.83 0.01
N PHE D 227 -26.21 -38.25 -1.06
CA PHE D 227 -27.03 -37.99 -2.23
C PHE D 227 -27.53 -39.29 -2.85
N PRO D 228 -28.82 -39.33 -3.22
CA PRO D 228 -29.31 -40.49 -3.98
C PRO D 228 -28.70 -40.42 -5.40
N PRO D 229 -28.62 -41.56 -6.12
CA PRO D 229 -27.99 -41.39 -7.44
C PRO D 229 -28.90 -40.69 -8.45
N ALA D 230 -28.29 -40.08 -9.47
CA ALA D 230 -29.01 -39.46 -10.57
C ALA D 230 -29.84 -40.50 -11.33
N ASP D 231 -31.01 -40.13 -11.85
CA ASP D 231 -31.77 -41.06 -12.71
C ASP D 231 -31.03 -41.10 -14.08
N PRO D 232 -31.14 -42.22 -14.86
CA PRO D 232 -30.42 -42.36 -16.15
C PRO D 232 -30.42 -41.12 -17.10
N THR D 233 -31.55 -40.40 -17.23
CA THR D 233 -31.63 -39.25 -18.17
C THR D 233 -30.78 -38.06 -17.70
N ILE D 234 -30.87 -37.76 -16.41
CA ILE D 234 -30.09 -36.67 -15.81
C ILE D 234 -28.60 -37.04 -15.83
N LYS D 235 -28.27 -38.29 -15.48
CA LYS D 235 -26.89 -38.81 -15.50
C LYS D 235 -26.22 -38.69 -16.89
N GLN D 236 -26.95 -39.05 -17.94
CA GLN D 236 -26.39 -38.93 -19.31
C GLN D 236 -26.30 -37.45 -19.81
N LYS D 237 -27.13 -36.55 -19.29
CA LYS D 237 -27.01 -35.12 -19.62
C LYS D 237 -25.81 -34.48 -18.89
N LEU D 238 -25.61 -34.87 -17.64
CA LEU D 238 -24.54 -34.31 -16.80
C LEU D 238 -23.17 -34.91 -17.05
N MET D 239 -23.09 -36.20 -17.43
CA MET D 239 -21.81 -36.91 -17.66
C MET D 239 -20.79 -36.10 -18.54
N PRO D 240 -21.19 -35.59 -19.76
CA PRO D 240 -20.14 -34.83 -20.50
C PRO D 240 -19.72 -33.50 -19.84
N ARG D 241 -20.66 -32.85 -19.12
CA ARG D 241 -20.43 -31.60 -18.41
C ARG D 241 -19.39 -31.80 -17.30
N VAL D 242 -19.55 -32.91 -16.58
CA VAL D 242 -18.69 -33.29 -15.45
C VAL D 242 -17.25 -33.62 -15.90
N LEU D 243 -17.12 -34.44 -16.95
CA LEU D 243 -15.81 -34.84 -17.50
C LEU D 243 -15.02 -33.61 -17.98
N ALA D 244 -15.71 -32.68 -18.63
CA ALA D 244 -15.11 -31.41 -19.06
C ALA D 244 -14.75 -30.52 -17.87
N MET D 245 -15.54 -30.61 -16.80
CA MET D 245 -15.36 -29.84 -15.56
C MET D 245 -14.11 -30.18 -14.73
N ILE D 246 -13.83 -31.47 -14.60
CA ILE D 246 -12.77 -31.91 -13.67
C ILE D 246 -11.36 -32.18 -14.27
N ARG D 247 -11.20 -31.97 -15.57
CA ARG D 247 -9.94 -32.18 -16.34
C ARG D 247 -8.68 -31.50 -15.74
N1 GTX E . 3.84 18.44 18.54
CA1 GTX E . 2.94 18.08 19.64
C1 GTX E . 2.01 16.99 19.20
O11 GTX E . 1.70 16.88 17.99
O12 GTX E . 1.52 16.20 20.04
CB1 GTX E . 2.14 19.28 20.10
CG1 GTX E . 1.86 19.06 21.61
CD1 GTX E . 1.26 20.33 22.14
OE1 GTX E . 2.06 21.45 22.14
N2 GTX E . 0.04 20.31 22.61
CA2 GTX E . -0.61 21.55 22.99
C2 GTX E . -0.70 21.70 24.49
O2 GTX E . -1.19 20.66 25.24
CB2 GTX E . -1.97 21.55 22.32
SG2 GTX E . -3.18 22.68 23.02
C1S GTX E . -2.43 24.23 22.47
C2S GTX E . -2.85 25.47 23.30
C3S GTX E . -3.15 25.22 24.79
C4S GTX E . -3.59 26.49 25.52
C5S GTX E . -4.49 26.18 26.72
C6S GTX E . -5.90 26.71 26.51
N3 GTX E . -0.32 22.86 25.00
CA3 GTX E . -0.41 23.11 26.42
C3 GTX E . 0.68 24.01 26.93
O31 GTX E . 0.49 24.64 27.99
O32 GTX E . 1.76 24.16 26.32
I IOD F . -0.55 22.24 18.42
I IOD G . -5.76 25.07 20.86
I IOD H . -4.86 13.96 34.94
I IOD I . -7.67 39.63 8.12
I IOD J . -18.31 18.97 11.69
I IOD K . -1.88 37.76 32.89
I IOD L . 7.39 24.91 2.47
N1 GTX M . 11.56 20.65 7.19
CA1 GTX M . 12.47 20.65 6.06
C1 GTX M . 13.39 19.48 6.13
O11 GTX M . 13.76 18.95 7.21
O12 GTX M . 13.83 18.99 5.07
CB1 GTX M . 13.23 21.97 6.01
CG1 GTX M . 13.63 22.36 4.59
CD1 GTX M . 14.30 23.72 4.66
OE1 GTX M . 13.54 24.81 5.09
N2 GTX M . 15.57 23.83 4.35
CA2 GTX M . 16.20 25.15 4.34
C2 GTX M . 16.18 25.75 2.97
O2 GTX M . 16.77 25.09 1.90
CB2 GTX M . 17.64 25.23 4.81
SG2 GTX M . 18.09 26.76 5.69
C1S GTX M . 18.68 27.77 4.31
C2S GTX M . 18.63 29.26 4.63
C3S GTX M . 18.35 30.17 3.44
C4S GTX M . 19.54 30.57 2.55
C5S GTX M . 20.90 30.69 3.25
C6S GTX M . 21.95 31.38 2.40
N3 GTX M . 15.64 26.96 2.88
CA3 GTX M . 15.92 27.80 1.73
C3 GTX M . 14.89 28.87 1.54
O31 GTX M . 15.17 29.85 0.84
O32 GTX M . 13.76 28.77 2.09
I IOD N . 15.93 24.09 8.85
I IOD O . 20.91 27.82 7.43
I IOD P . 7.54 26.12 14.21
I IOD Q . 7.71 13.65 11.90
I IOD R . 25.55 30.99 24.15
I IOD S . 21.21 3.27 27.91
I IOD T . 8.00 20.96 24.74
I IOD U . 16.94 43.78 1.02
I IOD V . 20.10 22.09 -9.59
N1 GTX W . -0.85 -18.82 -13.28
CA1 GTX W . 0.56 -18.42 -13.44
C1 GTX W . 0.74 -16.99 -13.91
O11 GTX W . -0.11 -16.48 -14.66
O12 GTX W . 1.76 -16.31 -13.60
CB1 GTX W . 1.31 -19.37 -14.35
CG1 GTX W . 2.78 -19.41 -13.91
CD1 GTX W . 3.40 -20.54 -14.64
OE1 GTX W . 2.96 -21.84 -14.46
N2 GTX W . 4.38 -20.24 -15.46
CA2 GTX W . 4.89 -21.29 -16.29
C2 GTX W . 6.24 -21.72 -15.80
O2 GTX W . 7.24 -20.79 -15.58
CB2 GTX W . 4.89 -20.73 -17.70
SG2 GTX W . 5.97 -21.57 -18.90
C1S GTX W . 5.12 -23.16 -18.91
C2S GTX W . 6.10 -24.33 -18.74
C3S GTX W . 7.34 -24.26 -19.62
C4S GTX W . 8.23 -25.48 -19.50
C5S GTX W . 9.71 -25.07 -19.53
C6S GTX W . 10.35 -25.22 -20.91
N3 GTX W . 6.44 -23.01 -15.58
CA3 GTX W . 7.74 -23.51 -15.21
C3 GTX W . 7.65 -24.85 -14.52
O31 GTX W . 8.62 -25.62 -14.59
O32 GTX W . 6.62 -25.21 -13.88
I IOD X . 0.91 -20.90 -18.53
I IOD Y . 5.42 -22.74 -22.72
I IOD Z . 17.71 -15.78 -11.77
I IOD AA . 4.09 -11.31 -34.65
I IOD BA . -6.98 -25.89 -14.99
I IOD CA . -17.36 -1.30 -29.19
I IOD DA . -16.79 -22.06 -19.90
I IOD EA . -4.25 9.07 -7.39
N1 GTX FA . -14.52 -20.30 -12.75
CA1 GTX FA . -15.97 -20.26 -12.55
C1 GTX FA . -16.35 -19.45 -11.34
O11 GTX FA . -15.53 -19.34 -10.41
O12 GTX FA . -17.49 -18.93 -11.23
CB1 GTX FA . -16.49 -21.66 -12.35
CG1 GTX FA . -17.88 -21.78 -12.95
CD1 GTX FA . -18.23 -23.23 -12.93
OE1 GTX FA . -17.48 -24.14 -13.69
N2 GTX FA . -19.25 -23.59 -12.19
CA2 GTX FA . -19.59 -24.98 -12.02
C2 GTX FA . -20.82 -25.33 -12.81
O2 GTX FA . -22.04 -24.73 -12.53
CB2 GTX FA . -19.72 -25.28 -10.53
SG2 GTX FA . -20.53 -26.85 -10.11
C1S GTX FA . -19.30 -27.96 -10.87
C2S GTX FA . -19.86 -29.35 -11.19
C3S GTX FA . -21.26 -29.35 -11.81
C4S GTX FA . -21.80 -30.75 -12.00
C5S GTX FA . -23.31 -30.80 -11.84
C6S GTX FA . -23.71 -31.53 -10.55
N3 GTX FA . -20.67 -26.25 -13.75
CA3 GTX FA . -21.85 -26.71 -14.47
C3 GTX FA . -21.54 -27.53 -15.69
O31 GTX FA . -22.40 -28.34 -16.08
O32 GTX FA . -20.45 -27.40 -16.29
I IOD GA . -15.49 -25.19 -9.78
I IOD HA . -19.40 -29.63 -7.52
I IOD IA . -33.45 -20.24 -13.72
I IOD JA . -7.35 -37.75 2.17
I IOD KA . -8.26 -13.74 -11.26
I IOD LA . -0.63 -11.80 11.01
I IOD MA . 2.12 -23.63 -8.02
#